data_3JBC
#
_entry.id   3JBC
#
_cell.length_a   1.000
_cell.length_b   1.000
_cell.length_c   1.000
_cell.angle_alpha   90.00
_cell.angle_beta   90.00
_cell.angle_gamma   90.00
#
_symmetry.space_group_name_H-M   'P 1'
#
loop_
_entity.id
_entity.type
_entity.pdbx_description
1 polymer 'Capsid protein VP1'
2 polymer 'Capsid protein VP2'
3 polymer 'Capsid protein VP3'
4 polymer 'Capsid protein VP4'
5 polymer 'nanobody VHH PVSP29F'
6 non-polymer 'PALMITIC ACID'
#
loop_
_entity_poly.entity_id
_entity_poly.type
_entity_poly.pdbx_seq_one_letter_code
_entity_poly.pdbx_strand_id
1 'polypeptide(L)'
;GLGQMLESMIDNTVRETVGAATSRDALPNTEASGPTHSKEIPALTAVETGATNPLVPSDTVQTRHVVQHRSRSESSIESF
FARGACVTIMTVDNPASTTNKDKLFAVWKITYKDTVQLRRKLEFFTYSRFDMELTFVVTANFTETNNGHALNQVYQIMYV
PPGAPVPEKWDDYTWQTSSNPSIFYTYGTAPARISVPYVGISNAYSHFYDGFSKVPLKDQSAALGDSLYGAASLNDFGIL
AVRVVNDHNPTKVTSKIRVYLKPKHIRVWCPRPPRAVAYYGPGVDYKDGTLTPLSTKDLTTY
;
1
2 'polypeptide(L)'
;SPNIEACGYSDRVLQLTLGNSTITTQEAANSVVAYGRWPEYLRDSEANPVDQPTEPDVAACRFYTLDTVSWTKESRGWWW
KLPDALRDMGLFGQNMYYHYLGRSGYTVHVQCNASKFHQGALGVFAVPEMCLAGDSNTTTMHTSYQNANPGEKGGTFTGT
FTPDNNQTSPARRFCPVDYLLGNGTLLGNAFVFPHQIINLRTNNCATLVLPYVNSLSIDSMVKHNNWGIAILPLAPLNFA
SESSPEIPITLTIAPMCCEFNGLRNITLPRLQ
;
2
3 'polypeptide(L)'
;GLPVMNTPGSNQYLTADNFQSPCALPEFDVTPPIDIPGEVKNMMELAEIDTMIPFDLSATKKNTMEMYRVRLSDKPHTDD
PILCLSLSPASDPRLSHTMLGEILNYYTHWAGSLKFTFLFCGSMMATGKLLVSYAPPGADPPKKRKEAMLGTHVIWDIGL
QSSCTMVVPWISNTTYRQTIDDSFTEGGYISVFYQTRIVVPLSTPREMDILGFVSACNDFSVRLLRDTTHIEQKALA
;
3
4 'polypeptide(L)' (MYR)GAQVSSQKVGAHENSNRAYGGSTINYTTINYYRDSASNAASKQDFSQDPSKFTEPIKDVLIKTAPMLN 4
5 'polypeptide(L)'
;QVQLQESGGGSVQTGGSLRLSCAASEYTQSSACMGWFRQAPGKEREGVAGISRFFGTAYYADSVKGRFTISQDKAKNTVY
LQMNSLKPEDTAIYYCAAGQGCLTTIQALGGAYGYNAWGQGTQVTVSSHHHHHH
;
7
#
loop_
_chem_comp.id
_chem_comp.type
_chem_comp.name
_chem_comp.formula
MYR non-polymer 'MYRISTIC ACID' 'C14 H28 O2'
PLM non-polymer 'PALMITIC ACID' 'C16 H32 O2'
#
# COMPACT_ATOMS: atom_id res chain seq x y z
N ALA A 20 -12.76 5.97 -24.30
CA ALA A 20 -12.34 5.11 -25.47
C ALA A 20 -10.88 4.62 -25.48
N ALA A 21 -10.21 4.83 -24.37
CA ALA A 21 -8.85 4.38 -24.23
C ALA A 21 -8.83 3.03 -23.53
N THR A 22 -8.43 2.01 -24.27
CA THR A 22 -8.40 0.67 -23.70
C THR A 22 -7.13 0.46 -22.87
N SER A 23 -7.10 -0.65 -22.16
CA SER A 23 -5.98 -1.00 -21.33
C SER A 23 -4.68 -1.29 -22.09
N ARG A 24 -4.84 -1.86 -23.27
CA ARG A 24 -3.69 -2.22 -24.08
C ARG A 24 -3.28 -1.25 -25.19
N ASP A 25 -3.86 -0.06 -25.13
CA ASP A 25 -3.52 0.98 -26.10
C ASP A 25 -2.24 1.74 -25.71
N ALA A 26 -1.52 2.15 -26.73
CA ALA A 26 -0.29 2.88 -26.52
C ALA A 26 -0.47 4.22 -25.81
N LEU A 27 0.45 4.49 -24.90
CA LEU A 27 0.43 5.74 -24.18
C LEU A 27 0.91 6.83 -25.13
N PRO A 28 0.46 8.05 -24.89
CA PRO A 28 0.84 9.15 -25.75
C PRO A 28 2.34 9.35 -26.03
N ASN A 29 2.65 9.65 -27.28
CA ASN A 29 4.03 9.88 -27.66
C ASN A 29 4.60 11.16 -27.06
N THR A 30 5.89 11.14 -26.81
CA THR A 30 6.56 12.30 -26.27
C THR A 30 7.07 13.10 -27.48
N GLU A 31 6.66 14.36 -27.51
CA GLU A 31 7.02 15.20 -28.65
C GLU A 31 8.21 16.15 -28.48
N ALA A 32 8.79 16.49 -29.62
CA ALA A 32 9.92 17.39 -29.63
C ALA A 32 9.62 18.78 -29.06
N SER A 33 10.56 19.25 -28.26
CA SER A 33 10.45 20.56 -27.65
C SER A 33 11.84 21.19 -27.51
N GLY A 34 11.94 22.42 -27.95
CA GLY A 34 13.19 23.14 -27.89
C GLY A 34 13.38 24.04 -26.68
N PRO A 35 14.17 25.08 -26.85
CA PRO A 35 14.41 26.00 -25.75
C PRO A 35 13.30 27.03 -25.52
N THR A 36 13.18 27.45 -24.27
CA THR A 36 12.19 28.46 -23.93
C THR A 36 12.58 29.36 -22.71
N HIS A 37 12.00 30.54 -22.71
CA HIS A 37 12.24 31.49 -21.66
C HIS A 37 11.11 32.53 -21.61
N SER A 38 10.12 32.24 -20.79
CA SER A 38 8.97 33.12 -20.69
C SER A 38 8.24 33.14 -19.33
N LYS A 39 6.97 33.49 -19.40
CA LYS A 39 6.14 33.58 -18.23
C LYS A 39 5.22 32.40 -17.88
N GLU A 40 5.38 31.33 -18.65
CA GLU A 40 4.61 30.13 -18.40
C GLU A 40 5.38 29.24 -17.44
N ILE A 41 4.79 29.01 -16.28
CA ILE A 41 5.47 28.23 -15.25
C ILE A 41 5.12 26.78 -14.94
N PRO A 42 5.72 25.87 -15.67
CA PRO A 42 5.43 24.46 -15.43
C PRO A 42 6.05 23.90 -14.15
N ALA A 43 7.32 24.23 -13.95
CA ALA A 43 8.05 23.74 -12.80
C ALA A 43 7.55 24.12 -11.42
N LEU A 44 6.99 25.30 -11.32
CA LEU A 44 6.47 25.78 -10.05
C LEU A 44 4.96 25.69 -9.83
N THR A 45 4.60 25.10 -8.71
CA THR A 45 3.21 24.96 -8.35
C THR A 45 3.04 25.04 -6.83
N ALA A 46 2.12 24.25 -6.34
CA ALA A 46 1.83 24.20 -4.92
C ALA A 46 1.05 22.90 -4.61
N VAL A 47 1.70 22.05 -3.84
CA VAL A 47 1.11 20.78 -3.50
C VAL A 47 0.08 20.84 -2.36
N GLU A 48 0.10 21.95 -1.65
CA GLU A 48 -0.78 22.15 -0.54
C GLU A 48 -2.24 22.15 -1.00
N THR A 49 -2.42 22.51 -2.26
CA THR A 49 -3.72 22.53 -2.87
C THR A 49 -4.27 21.10 -2.97
N GLY A 50 -3.37 20.14 -2.90
CA GLY A 50 -3.75 18.76 -2.99
C GLY A 50 -3.68 18.18 -4.40
N ALA A 51 -3.15 18.97 -5.32
CA ALA A 51 -3.03 18.53 -6.69
C ALA A 51 -1.58 18.27 -7.13
N THR A 52 -1.39 17.13 -7.77
CA THR A 52 -0.07 16.77 -8.26
C THR A 52 0.13 17.37 -9.66
N ASN A 53 1.22 18.09 -9.79
CA ASN A 53 1.55 18.74 -11.03
C ASN A 53 1.66 17.70 -12.13
N PRO A 54 0.86 17.87 -13.17
CA PRO A 54 0.88 16.92 -14.27
C PRO A 54 1.86 17.26 -15.39
N LEU A 55 3.13 17.22 -15.06
CA LEU A 55 4.16 17.53 -16.04
C LEU A 55 4.70 16.35 -16.86
N VAL A 56 5.26 16.68 -18.00
CA VAL A 56 5.85 15.70 -18.88
C VAL A 56 7.27 16.18 -19.02
N PRO A 57 8.11 15.37 -19.66
CA PRO A 57 9.51 15.81 -19.82
C PRO A 57 9.76 17.12 -20.56
N SER A 58 8.98 17.34 -21.60
CA SER A 58 9.12 18.54 -22.40
C SER A 58 8.89 19.89 -21.70
N ASP A 59 8.33 19.81 -20.51
CA ASP A 59 8.03 20.96 -19.73
C ASP A 59 9.28 21.54 -19.03
N THR A 60 10.19 20.63 -18.70
CA THR A 60 11.40 21.00 -18.02
C THR A 60 12.68 20.83 -18.83
N VAL A 61 12.68 19.87 -19.73
CA VAL A 61 13.84 19.65 -20.57
C VAL A 61 13.53 19.64 -22.07
N GLN A 62 14.58 19.77 -22.86
CA GLN A 62 14.44 19.75 -24.31
C GLN A 62 14.49 18.28 -24.75
N THR A 63 13.40 17.86 -25.37
CA THR A 63 13.27 16.48 -25.79
C THR A 63 13.12 16.28 -27.29
N ARG A 64 13.07 15.03 -27.69
CA ARG A 64 12.89 14.72 -29.10
C ARG A 64 11.51 14.09 -29.37
N HIS A 65 11.21 13.95 -30.64
CA HIS A 65 9.97 13.37 -31.06
C HIS A 65 10.16 11.87 -30.88
N VAL A 66 9.32 11.27 -30.06
CA VAL A 66 9.41 9.85 -29.80
C VAL A 66 8.06 9.12 -29.84
N VAL A 67 7.99 8.16 -30.75
CA VAL A 67 6.80 7.36 -30.91
C VAL A 67 6.79 6.29 -29.83
N GLN A 68 6.01 6.53 -28.80
CA GLN A 68 5.88 5.60 -27.71
C GLN A 68 5.20 4.31 -28.17
N HIS A 69 5.58 3.21 -27.55
CA HIS A 69 5.01 1.92 -27.92
C HIS A 69 4.46 1.13 -26.73
N ARG A 70 4.88 1.52 -25.55
CA ARG A 70 4.46 0.83 -24.34
C ARG A 70 3.02 1.14 -23.89
N SER A 71 2.41 0.14 -23.31
CA SER A 71 1.05 0.24 -22.84
C SER A 71 0.85 -0.32 -21.43
N ARG A 72 -0.20 0.17 -20.78
CA ARG A 72 -0.50 -0.24 -19.44
C ARG A 72 -1.39 -1.50 -19.41
N SER A 73 -1.16 -2.34 -20.41
CA SER A 73 -1.91 -3.56 -20.54
C SER A 73 -1.82 -4.48 -19.33
N GLU A 74 -0.65 -4.52 -18.73
CA GLU A 74 -0.44 -5.43 -17.61
C GLU A 74 -0.78 -4.96 -16.20
N SER A 75 -1.21 -3.71 -16.11
CA SER A 75 -1.57 -3.17 -14.81
C SER A 75 -3.03 -2.80 -14.54
N SER A 76 -3.89 -3.27 -15.42
CA SER A 76 -5.31 -3.04 -15.27
C SER A 76 -5.78 -3.88 -14.08
N ILE A 77 -6.78 -3.38 -13.39
CA ILE A 77 -7.31 -4.06 -12.23
C ILE A 77 -7.52 -5.57 -12.49
N GLU A 78 -8.10 -5.83 -13.65
CA GLU A 78 -8.36 -7.18 -14.07
C GLU A 78 -7.02 -7.93 -14.04
N SER A 79 -6.08 -7.45 -14.83
CA SER A 79 -4.79 -8.08 -14.91
C SER A 79 -4.00 -8.21 -13.62
N PHE A 80 -4.14 -7.23 -12.76
CA PHE A 80 -3.43 -7.26 -11.48
C PHE A 80 -3.91 -8.37 -10.54
N PHE A 81 -5.20 -8.67 -10.66
CA PHE A 81 -5.78 -9.72 -9.86
C PHE A 81 -6.02 -11.04 -10.60
N ALA A 82 -5.62 -11.05 -11.85
CA ALA A 82 -5.78 -12.23 -12.67
C ALA A 82 -4.86 -13.38 -12.25
N ARG A 83 -5.09 -13.84 -11.03
CA ARG A 83 -4.31 -14.91 -10.47
C ARG A 83 -5.03 -15.47 -9.24
N GLY A 84 -4.81 -16.74 -9.01
CA GLY A 84 -5.40 -17.39 -7.85
C GLY A 84 -4.37 -17.39 -6.73
N ALA A 85 -4.88 -17.34 -5.51
CA ALA A 85 -4.00 -17.32 -4.35
C ALA A 85 -4.48 -18.26 -3.24
N CYS A 86 -3.55 -19.01 -2.69
CA CYS A 86 -3.86 -19.92 -1.60
C CYS A 86 -4.43 -19.10 -0.46
N VAL A 87 -5.67 -19.41 -0.11
CA VAL A 87 -6.33 -18.66 0.94
C VAL A 87 -6.31 -19.41 2.28
N THR A 88 -6.29 -20.72 2.18
CA THR A 88 -6.30 -21.57 3.35
C THR A 88 -5.74 -22.94 3.00
N ILE A 89 -5.52 -23.74 4.04
CA ILE A 89 -5.04 -25.08 3.87
C ILE A 89 -5.87 -25.90 4.89
N MET A 90 -6.69 -26.78 4.35
CA MET A 90 -7.59 -27.56 5.16
C MET A 90 -7.05 -28.98 5.38
N THR A 91 -7.36 -29.52 6.54
CA THR A 91 -6.87 -30.84 6.90
C THR A 91 -7.92 -31.89 7.31
N VAL A 92 -7.93 -32.96 6.56
CA VAL A 92 -8.83 -34.06 6.82
C VAL A 92 -8.10 -35.39 6.73
N ASP A 93 -8.67 -36.40 7.35
CA ASP A 93 -8.08 -37.72 7.32
C ASP A 93 -9.06 -38.91 7.29
N ASN A 94 -8.49 -40.09 7.21
CA ASN A 94 -9.28 -41.30 7.22
C ASN A 94 -8.49 -42.35 7.99
N PRO A 95 -8.71 -42.41 9.28
CA PRO A 95 -8.00 -43.37 10.12
C PRO A 95 -8.65 -44.75 10.18
N ALA A 96 -8.14 -45.56 11.10
CA ALA A 96 -8.68 -46.90 11.27
C ALA A 96 -9.99 -46.91 12.03
N SER A 97 -10.71 -48.00 11.91
CA SER A 97 -12.00 -48.12 12.60
C SER A 97 -11.86 -48.29 14.14
N THR A 98 -10.72 -48.84 14.51
CA THR A 98 -10.42 -49.11 15.89
C THR A 98 -9.99 -47.86 16.68
N THR A 99 -9.88 -46.76 15.96
CA THR A 99 -9.45 -45.52 16.54
C THR A 99 -10.24 -44.96 17.76
N ASN A 100 -9.51 -44.20 18.55
CA ASN A 100 -10.07 -43.58 19.73
C ASN A 100 -10.61 -42.16 19.46
N LYS A 101 -9.88 -41.44 18.64
CA LYS A 101 -10.24 -40.10 18.26
C LYS A 101 -11.02 -40.19 16.94
N ASP A 102 -12.06 -39.40 16.86
CA ASP A 102 -12.92 -39.42 15.68
C ASP A 102 -12.29 -38.94 14.38
N LYS A 103 -12.71 -39.56 13.30
CA LYS A 103 -12.21 -39.20 11.99
C LYS A 103 -12.31 -37.68 11.76
N LEU A 104 -11.21 -37.14 11.28
CA LEU A 104 -11.13 -35.70 11.07
C LEU A 104 -11.76 -35.05 9.80
N PHE A 105 -12.68 -34.15 10.07
CA PHE A 105 -13.35 -33.42 9.04
C PHE A 105 -13.05 -31.93 9.29
N ALA A 106 -12.73 -31.23 8.22
CA ALA A 106 -12.38 -29.84 8.32
C ALA A 106 -13.53 -28.85 8.03
N VAL A 107 -13.54 -27.79 8.80
CA VAL A 107 -14.53 -26.76 8.66
C VAL A 107 -13.71 -25.46 8.59
N TRP A 108 -14.02 -24.65 7.60
CA TRP A 108 -13.32 -23.40 7.42
C TRP A 108 -14.22 -22.27 6.91
N LYS A 109 -14.20 -21.18 7.66
CA LYS A 109 -15.01 -20.03 7.31
C LYS A 109 -14.33 -19.30 6.13
N ILE A 110 -15.15 -18.99 5.14
CA ILE A 110 -14.65 -18.34 3.95
C ILE A 110 -14.19 -16.87 4.09
N THR A 111 -12.88 -16.71 4.08
CA THR A 111 -12.27 -15.41 4.19
C THR A 111 -10.98 -15.35 3.38
N TYR A 112 -10.60 -14.14 3.04
CA TYR A 112 -9.41 -13.86 2.31
C TYR A 112 -8.29 -13.49 3.29
N LYS A 113 -8.68 -13.36 4.54
CA LYS A 113 -7.75 -12.91 5.56
C LYS A 113 -6.94 -13.83 6.48
N ASP A 114 -6.81 -15.07 6.04
CA ASP A 114 -6.01 -16.03 6.78
C ASP A 114 -4.58 -15.94 6.22
N THR A 115 -4.51 -15.73 4.92
CA THR A 115 -3.24 -15.57 4.26
C THR A 115 -2.95 -14.07 4.22
N VAL A 116 -1.82 -13.72 3.63
CA VAL A 116 -1.44 -12.32 3.59
C VAL A 116 -1.31 -11.71 2.19
N GLN A 117 -0.58 -12.39 1.34
CA GLN A 117 -0.37 -11.91 -0.01
C GLN A 117 -1.59 -11.36 -0.74
N LEU A 118 -2.62 -12.19 -0.82
CA LEU A 118 -3.84 -11.81 -1.49
C LEU A 118 -4.56 -10.64 -0.78
N ARG A 119 -4.58 -10.73 0.54
CA ARG A 119 -5.20 -9.73 1.36
C ARG A 119 -4.73 -8.31 1.05
N ARG A 120 -3.42 -8.13 1.08
CA ARG A 120 -2.85 -6.83 0.82
C ARG A 120 -3.17 -6.24 -0.55
N LYS A 121 -3.19 -7.10 -1.54
CA LYS A 121 -3.55 -6.68 -2.88
C LYS A 121 -4.98 -6.11 -2.82
N LEU A 122 -5.86 -6.90 -2.24
CA LEU A 122 -7.23 -6.51 -2.09
C LEU A 122 -7.28 -5.19 -1.32
N GLU A 123 -6.42 -5.08 -0.34
CA GLU A 123 -6.37 -3.88 0.47
C GLU A 123 -5.84 -2.58 -0.10
N PHE A 124 -5.45 -2.62 -1.36
CA PHE A 124 -5.05 -1.38 -2.03
C PHE A 124 -6.30 -0.51 -2.19
N PHE A 125 -7.44 -1.14 -2.07
CA PHE A 125 -8.70 -0.47 -2.23
C PHE A 125 -9.65 -0.64 -1.04
N THR A 126 -10.65 0.22 -0.99
CA THR A 126 -11.61 0.22 0.07
C THR A 126 -12.83 -0.69 -0.22
N TYR A 127 -13.21 -0.71 -1.48
CA TYR A 127 -14.33 -1.52 -1.90
C TYR A 127 -14.06 -2.19 -3.25
N SER A 128 -14.69 -3.33 -3.45
CA SER A 128 -14.53 -4.07 -4.69
C SER A 128 -15.66 -5.01 -5.07
N ARG A 129 -15.84 -5.17 -6.37
CA ARG A 129 -16.85 -6.07 -6.88
C ARG A 129 -16.15 -7.09 -7.79
N PHE A 130 -16.43 -8.36 -7.52
CA PHE A 130 -15.84 -9.42 -8.32
C PHE A 130 -16.56 -10.77 -8.17
N ASP A 131 -16.39 -11.59 -9.20
CA ASP A 131 -16.93 -12.93 -9.19
C ASP A 131 -15.74 -13.83 -8.88
N MET A 132 -15.90 -14.64 -7.85
CA MET A 132 -14.83 -15.51 -7.42
C MET A 132 -14.75 -16.91 -8.04
N GLU A 133 -13.56 -17.23 -8.50
CA GLU A 133 -13.31 -18.54 -9.07
C GLU A 133 -12.41 -19.26 -8.05
N LEU A 134 -12.87 -20.42 -7.65
CA LEU A 134 -12.14 -21.22 -6.70
C LEU A 134 -11.64 -22.55 -7.29
N THR A 135 -10.44 -22.90 -6.91
CA THR A 135 -9.82 -24.11 -7.37
C THR A 135 -9.45 -24.91 -6.10
N PHE A 136 -9.39 -26.22 -6.27
CA PHE A 136 -9.10 -27.08 -5.14
C PHE A 136 -8.05 -28.19 -5.36
N VAL A 137 -6.83 -27.87 -4.98
CA VAL A 137 -5.75 -28.82 -5.11
C VAL A 137 -5.70 -29.70 -3.87
N VAL A 138 -5.77 -31.00 -4.12
CA VAL A 138 -5.80 -31.95 -3.02
C VAL A 138 -4.59 -32.91 -2.94
N THR A 139 -4.01 -32.95 -1.75
CA THR A 139 -2.88 -33.77 -1.47
C THR A 139 -3.27 -34.83 -0.45
N ALA A 140 -2.59 -35.96 -0.53
CA ALA A 140 -2.83 -37.04 0.41
C ALA A 140 -1.58 -37.88 0.70
N ASN A 141 -1.49 -38.32 1.95
CA ASN A 141 -0.37 -39.12 2.37
C ASN A 141 -0.62 -40.12 3.55
N PHE A 142 0.25 -41.10 3.59
CA PHE A 142 0.22 -42.13 4.57
C PHE A 142 0.93 -41.49 5.76
N THR A 143 0.57 -41.92 6.95
CA THR A 143 1.20 -41.37 8.15
C THR A 143 1.88 -42.38 9.09
N GLU A 144 1.30 -43.57 9.15
CA GLU A 144 1.79 -44.62 9.99
C GLU A 144 2.77 -45.47 9.18
N THR A 145 3.94 -45.69 9.76
CA THR A 145 4.95 -46.48 9.10
C THR A 145 4.56 -48.00 9.06
N ASN A 146 3.72 -48.28 8.09
CA ASN A 146 3.24 -49.61 7.87
C ASN A 146 3.36 -50.00 6.38
N ASN A 147 2.75 -51.12 6.06
CA ASN A 147 2.73 -51.59 4.70
C ASN A 147 1.31 -51.94 4.18
N GLY A 148 0.34 -51.45 4.91
CA GLY A 148 -1.05 -51.63 4.55
C GLY A 148 -1.44 -50.75 3.38
N HIS A 149 -2.65 -50.94 2.89
CA HIS A 149 -3.06 -50.20 1.69
C HIS A 149 -4.35 -49.36 1.74
N ALA A 150 -4.42 -48.39 0.86
CA ALA A 150 -5.57 -47.53 0.77
C ALA A 150 -6.07 -47.44 -0.69
N LEU A 151 -7.37 -47.32 -0.83
CA LEU A 151 -7.96 -47.24 -2.14
C LEU A 151 -8.31 -45.79 -2.44
N ASN A 152 -8.02 -45.37 -3.65
CA ASN A 152 -8.29 -43.99 -4.04
C ASN A 152 -9.50 -43.31 -3.38
N GLN A 153 -9.24 -42.13 -2.87
CA GLN A 153 -10.22 -41.39 -2.14
C GLN A 153 -11.05 -40.37 -2.94
N VAL A 154 -12.23 -40.11 -2.42
CA VAL A 154 -13.10 -39.13 -3.03
C VAL A 154 -13.39 -38.16 -1.87
N TYR A 155 -13.37 -36.88 -2.21
CA TYR A 155 -13.60 -35.86 -1.23
C TYR A 155 -14.81 -35.00 -1.61
N GLN A 156 -15.67 -34.78 -0.65
CA GLN A 156 -16.83 -33.94 -0.88
C GLN A 156 -16.65 -32.62 -0.13
N ILE A 157 -16.62 -31.54 -0.89
CA ILE A 157 -16.46 -30.23 -0.31
C ILE A 157 -17.85 -29.62 -0.44
N MET A 158 -18.53 -29.49 0.69
CA MET A 158 -19.85 -28.91 0.71
C MET A 158 -19.72 -27.46 1.14
N TYR A 159 -20.53 -26.61 0.55
CA TYR A 159 -20.55 -25.22 0.96
C TYR A 159 -21.75 -25.05 1.88
N VAL A 160 -21.47 -24.65 3.11
CA VAL A 160 -22.51 -24.43 4.08
C VAL A 160 -22.64 -22.92 4.31
N PRO A 161 -23.69 -22.35 3.75
CA PRO A 161 -23.93 -20.94 3.87
C PRO A 161 -24.40 -20.62 5.27
N PRO A 162 -24.27 -19.37 5.68
CA PRO A 162 -24.73 -19.02 7.03
C PRO A 162 -26.21 -19.39 7.19
N GLY A 163 -26.48 -20.14 8.24
CA GLY A 163 -27.83 -20.57 8.52
C GLY A 163 -28.09 -22.07 8.38
N ALA A 164 -27.40 -22.67 7.43
CA ALA A 164 -27.54 -24.09 7.19
C ALA A 164 -26.86 -24.91 8.27
N PRO A 165 -27.28 -26.15 8.43
CA PRO A 165 -26.67 -26.98 9.47
C PRO A 165 -25.22 -27.42 9.16
N VAL A 166 -24.33 -27.08 10.07
CA VAL A 166 -22.94 -27.42 9.92
C VAL A 166 -22.68 -28.79 10.55
N PRO A 167 -22.09 -29.67 9.77
CA PRO A 167 -21.78 -31.00 10.25
C PRO A 167 -21.11 -31.10 11.64
N GLU A 168 -21.47 -32.16 12.33
CA GLU A 168 -20.94 -32.45 13.62
C GLU A 168 -20.19 -33.78 13.57
N LYS A 169 -20.60 -34.61 12.63
CA LYS A 169 -19.98 -35.90 12.42
C LYS A 169 -19.58 -35.99 10.96
N TRP A 170 -18.65 -36.90 10.68
CA TRP A 170 -18.23 -37.12 9.32
C TRP A 170 -19.37 -37.87 8.64
N ASP A 171 -20.20 -38.47 9.46
CA ASP A 171 -21.33 -39.23 8.95
C ASP A 171 -22.77 -38.87 9.34
N ASP A 172 -22.99 -37.59 9.59
CA ASP A 172 -24.33 -37.12 9.93
C ASP A 172 -25.16 -36.75 8.69
N TYR A 173 -26.40 -36.39 8.93
CA TYR A 173 -27.29 -36.04 7.85
C TYR A 173 -27.02 -34.84 6.93
N THR A 174 -26.13 -33.98 7.37
CA THR A 174 -25.80 -32.80 6.60
C THR A 174 -25.17 -33.09 5.24
N TRP A 175 -24.26 -34.04 5.23
CA TRP A 175 -23.56 -34.39 4.02
C TRP A 175 -24.41 -34.95 2.86
N GLN A 176 -25.71 -34.86 3.04
CA GLN A 176 -26.63 -35.32 2.04
C GLN A 176 -26.81 -34.26 0.94
N THR A 177 -26.57 -33.03 1.32
CA THR A 177 -26.62 -31.91 0.41
C THR A 177 -27.75 -31.71 -0.62
N SER A 178 -28.91 -31.35 -0.10
CA SER A 178 -30.06 -31.13 -0.96
C SER A 178 -30.14 -29.74 -1.60
N SER A 179 -29.45 -28.80 -0.98
CA SER A 179 -29.44 -27.44 -1.46
C SER A 179 -28.12 -26.71 -1.22
N ASN A 180 -27.22 -27.37 -0.52
CA ASN A 180 -25.92 -26.80 -0.27
C ASN A 180 -25.09 -27.22 -1.45
N PRO A 181 -24.29 -26.31 -1.98
CA PRO A 181 -23.44 -26.71 -3.11
C PRO A 181 -22.31 -27.59 -2.55
N SER A 182 -22.06 -28.68 -3.26
CA SER A 182 -21.04 -29.61 -2.84
C SER A 182 -20.23 -30.13 -4.03
N ILE A 183 -18.94 -30.32 -3.78
CA ILE A 183 -18.05 -30.82 -4.80
C ILE A 183 -17.61 -32.25 -4.45
N PHE A 184 -17.60 -33.07 -5.48
CA PHE A 184 -17.16 -34.44 -5.32
C PHE A 184 -15.87 -34.62 -6.14
N TYR A 185 -14.77 -34.53 -5.42
CA TYR A 185 -13.46 -34.65 -6.01
C TYR A 185 -12.82 -36.03 -5.84
N THR A 186 -12.45 -36.61 -6.96
CA THR A 186 -11.80 -37.89 -6.96
C THR A 186 -10.31 -37.53 -6.96
N TYR A 187 -9.57 -38.20 -6.10
CA TYR A 187 -8.15 -37.97 -5.99
C TYR A 187 -7.41 -38.47 -7.23
N GLY A 188 -6.39 -37.71 -7.61
CA GLY A 188 -5.61 -38.06 -8.78
C GLY A 188 -6.07 -37.46 -10.10
N THR A 189 -7.05 -36.59 -10.03
CA THR A 189 -7.56 -35.93 -11.21
C THR A 189 -7.48 -34.40 -11.12
N ALA A 190 -7.87 -33.76 -12.21
CA ALA A 190 -7.84 -32.31 -12.27
C ALA A 190 -8.43 -31.63 -11.05
N PRO A 191 -7.64 -30.77 -10.43
CA PRO A 191 -8.12 -30.06 -9.25
C PRO A 191 -9.49 -29.43 -9.49
N ALA A 192 -10.28 -29.40 -8.43
CA ALA A 192 -11.63 -28.89 -8.51
C ALA A 192 -11.79 -27.37 -8.61
N ARG A 193 -12.62 -26.96 -9.56
CA ARG A 193 -12.87 -25.55 -9.77
C ARG A 193 -14.31 -25.11 -10.07
N ILE A 194 -14.78 -24.19 -9.25
CA ILE A 194 -16.12 -23.65 -9.41
C ILE A 194 -16.10 -22.12 -9.51
N SER A 195 -17.27 -21.58 -9.80
CA SER A 195 -17.42 -20.15 -9.89
C SER A 195 -18.60 -19.70 -9.03
N VAL A 196 -18.45 -18.52 -8.45
CA VAL A 196 -19.49 -17.95 -7.63
C VAL A 196 -19.60 -16.48 -7.99
N PRO A 197 -20.81 -15.98 -8.11
CA PRO A 197 -20.99 -14.58 -8.48
C PRO A 197 -20.72 -13.63 -7.33
N TYR A 198 -20.96 -12.35 -7.59
CA TYR A 198 -20.81 -11.36 -6.54
C TYR A 198 -21.93 -11.69 -5.55
N VAL A 199 -21.51 -12.19 -4.40
CA VAL A 199 -22.48 -12.59 -3.39
C VAL A 199 -22.66 -11.67 -2.18
N GLY A 200 -22.07 -10.50 -2.26
CA GLY A 200 -22.16 -9.55 -1.18
C GLY A 200 -23.54 -9.01 -0.79
N ILE A 201 -23.70 -8.75 0.49
CA ILE A 201 -24.95 -8.25 1.00
C ILE A 201 -25.03 -6.74 0.74
N SER A 202 -23.88 -6.17 0.45
CA SER A 202 -23.76 -4.78 0.15
C SER A 202 -23.66 -4.68 -1.36
N ASN A 203 -23.39 -3.49 -1.85
CA ASN A 203 -23.31 -3.29 -3.29
C ASN A 203 -21.87 -3.56 -3.80
N ALA A 204 -21.00 -3.84 -2.86
CA ALA A 204 -19.63 -4.14 -3.13
C ALA A 204 -19.10 -4.74 -1.83
N TYR A 205 -18.03 -5.51 -1.94
CA TYR A 205 -17.43 -6.09 -0.77
C TYR A 205 -16.55 -5.04 -0.09
N SER A 206 -16.79 -4.86 1.20
CA SER A 206 -16.02 -3.89 1.96
C SER A 206 -14.80 -4.56 2.62
N HIS A 207 -13.66 -3.93 2.41
CA HIS A 207 -12.42 -4.44 2.94
C HIS A 207 -12.06 -3.83 4.29
N PHE A 208 -12.63 -2.67 4.56
CA PHE A 208 -12.44 -2.00 5.81
C PHE A 208 -13.77 -1.45 6.26
N TYR A 209 -14.14 -1.75 7.49
CA TYR A 209 -15.39 -1.25 8.02
C TYR A 209 -15.04 -0.42 9.28
N ASP A 210 -15.48 0.82 9.25
CA ASP A 210 -15.25 1.72 10.35
C ASP A 210 -16.55 1.77 11.18
N GLY A 211 -16.75 0.72 11.95
CA GLY A 211 -17.92 0.62 12.77
C GLY A 211 -18.03 -0.71 13.54
N PHE A 212 -19.26 -1.04 13.91
CA PHE A 212 -19.52 -2.24 14.65
C PHE A 212 -20.85 -2.81 14.16
N SER A 213 -21.30 -3.86 14.82
CA SER A 213 -22.56 -4.47 14.48
C SER A 213 -23.72 -3.99 15.35
N LYS A 214 -23.47 -3.93 16.65
CA LYS A 214 -24.48 -3.47 17.57
C LYS A 214 -24.26 -2.05 18.11
N VAL A 215 -25.34 -1.45 18.57
CA VAL A 215 -25.26 -0.14 19.15
C VAL A 215 -25.53 -0.36 20.63
N PRO A 216 -24.55 -0.04 21.45
CA PRO A 216 -24.74 -0.18 22.89
C PRO A 216 -25.64 0.97 23.33
N LEU A 217 -26.75 0.62 23.95
CA LEU A 217 -27.70 1.62 24.40
C LEU A 217 -27.58 1.89 25.89
N LYS A 218 -27.96 3.10 26.28
CA LYS A 218 -27.90 3.48 27.67
C LYS A 218 -28.66 2.57 28.65
N ASP A 219 -29.88 2.24 28.26
CA ASP A 219 -30.71 1.40 29.09
C ASP A 219 -30.62 -0.06 28.59
N GLN A 220 -29.42 -0.58 28.70
CA GLN A 220 -29.10 -1.91 28.28
C GLN A 220 -27.79 -2.15 28.99
N SER A 221 -27.48 -3.42 29.22
CA SER A 221 -26.23 -3.76 29.88
C SER A 221 -25.08 -3.72 28.88
N ALA A 222 -23.96 -3.20 29.32
CA ALA A 222 -22.80 -3.09 28.47
C ALA A 222 -22.52 -4.40 27.72
N ALA A 223 -22.76 -5.49 28.41
CA ALA A 223 -22.58 -6.81 27.85
C ALA A 223 -23.55 -7.04 26.69
N LEU A 224 -24.78 -6.61 26.88
CA LEU A 224 -25.79 -6.75 25.87
C LEU A 224 -25.59 -5.86 24.64
N GLY A 225 -24.79 -4.82 24.82
CA GLY A 225 -24.51 -3.90 23.73
C GLY A 225 -23.17 -3.92 23.01
N ASP A 226 -22.31 -4.84 23.42
CA ASP A 226 -20.99 -4.93 22.80
C ASP A 226 -20.92 -5.71 21.47
N SER A 227 -19.94 -5.32 20.68
CA SER A 227 -19.70 -5.93 19.41
C SER A 227 -18.23 -5.64 19.06
N LEU A 228 -17.73 -6.37 18.09
CA LEU A 228 -16.36 -6.20 17.67
C LEU A 228 -16.21 -5.01 16.71
N TYR A 229 -15.11 -4.31 16.87
CA TYR A 229 -14.84 -3.17 16.00
C TYR A 229 -14.42 -3.61 14.60
N GLY A 230 -15.15 -3.13 13.62
CA GLY A 230 -14.88 -3.48 12.25
C GLY A 230 -15.47 -4.81 11.80
N ALA A 231 -16.27 -5.40 12.67
CA ALA A 231 -16.89 -6.67 12.37
C ALA A 231 -18.37 -6.51 11.99
N ALA A 232 -18.73 -7.16 10.90
CA ALA A 232 -20.07 -7.09 10.40
C ALA A 232 -20.41 -8.31 9.52
N SER A 233 -21.67 -8.39 9.15
CA SER A 233 -22.14 -9.46 8.31
C SER A 233 -21.66 -9.29 6.87
N LEU A 234 -21.27 -8.09 6.54
CA LEU A 234 -20.77 -7.79 5.22
C LEU A 234 -19.78 -8.85 4.75
N ASN A 235 -19.16 -9.50 5.71
CA ASN A 235 -18.17 -10.50 5.43
C ASN A 235 -18.43 -11.97 5.76
N ASP A 236 -19.60 -12.24 6.29
CA ASP A 236 -19.94 -13.62 6.63
C ASP A 236 -20.56 -14.40 5.45
N PHE A 237 -19.74 -15.30 4.93
CA PHE A 237 -20.15 -16.11 3.80
C PHE A 237 -20.35 -17.58 4.12
N GLY A 238 -20.36 -17.90 5.39
CA GLY A 238 -20.51 -19.29 5.80
C GLY A 238 -19.20 -20.05 5.86
N ILE A 239 -19.30 -21.36 5.79
CA ILE A 239 -18.11 -22.19 5.85
C ILE A 239 -18.00 -23.25 4.74
N LEU A 240 -16.82 -23.82 4.62
CA LEU A 240 -16.60 -24.88 3.69
C LEU A 240 -16.32 -26.12 4.56
N ALA A 241 -17.04 -27.18 4.28
CA ALA A 241 -16.89 -28.40 5.01
C ALA A 241 -16.40 -29.48 4.05
N VAL A 242 -15.45 -30.27 4.51
CA VAL A 242 -14.89 -31.32 3.69
C VAL A 242 -14.58 -32.58 4.50
N ARG A 243 -14.68 -33.71 3.82
CA ARG A 243 -14.37 -34.98 4.43
C ARG A 243 -13.91 -35.91 3.29
N VAL A 244 -13.44 -37.09 3.70
CA VAL A 244 -13.05 -38.09 2.74
C VAL A 244 -14.31 -38.94 2.73
N VAL A 245 -14.84 -39.16 1.53
CA VAL A 245 -16.07 -39.94 1.42
C VAL A 245 -15.88 -41.42 1.77
N ASN A 246 -14.66 -41.87 1.63
CA ASN A 246 -14.32 -43.25 1.92
C ASN A 246 -14.55 -43.65 3.38
N ASP A 247 -15.02 -44.88 3.55
CA ASP A 247 -15.24 -45.41 4.87
C ASP A 247 -13.94 -45.86 5.54
N HIS A 248 -13.96 -45.90 6.86
CA HIS A 248 -12.77 -46.27 7.61
C HIS A 248 -11.80 -47.34 7.03
N ASN A 249 -10.57 -46.89 6.84
CA ASN A 249 -9.54 -47.71 6.28
C ASN A 249 -8.56 -48.18 7.33
N PRO A 250 -8.13 -49.42 7.23
CA PRO A 250 -7.19 -49.94 8.22
C PRO A 250 -5.95 -49.14 8.54
N THR A 251 -5.33 -48.56 7.52
CA THR A 251 -4.16 -47.72 7.75
C THR A 251 -4.54 -46.27 7.38
N LYS A 252 -4.35 -45.40 8.36
CA LYS A 252 -4.68 -44.00 8.21
C LYS A 252 -4.01 -43.23 7.06
N VAL A 253 -4.79 -42.34 6.47
CA VAL A 253 -4.32 -41.52 5.39
C VAL A 253 -4.67 -40.06 5.62
N THR A 254 -3.64 -39.22 5.54
CA THR A 254 -3.83 -37.79 5.75
C THR A 254 -3.96 -37.03 4.44
N SER A 255 -4.76 -35.99 4.46
CA SER A 255 -4.97 -35.19 3.27
C SER A 255 -5.24 -33.69 3.47
N LYS A 256 -4.68 -32.90 2.58
CA LYS A 256 -4.85 -31.46 2.63
C LYS A 256 -5.38 -30.82 1.34
N ILE A 257 -6.41 -30.02 1.50
CA ILE A 257 -7.04 -29.35 0.38
C ILE A 257 -6.57 -27.90 0.40
N ARG A 258 -5.84 -27.52 -0.64
CA ARG A 258 -5.41 -26.14 -0.75
C ARG A 258 -6.35 -25.36 -1.69
N VAL A 259 -6.92 -24.31 -1.16
CA VAL A 259 -7.87 -23.51 -1.90
C VAL A 259 -7.20 -22.27 -2.49
N TYR A 260 -7.53 -22.00 -3.74
CA TYR A 260 -7.01 -20.86 -4.43
C TYR A 260 -8.14 -19.98 -4.99
N LEU A 261 -8.07 -18.71 -4.64
CA LEU A 261 -9.10 -17.78 -5.03
C LEU A 261 -8.64 -16.75 -6.06
N LYS A 262 -9.40 -16.66 -7.14
CA LYS A 262 -9.09 -15.66 -8.16
C LYS A 262 -10.31 -14.78 -8.33
N PRO A 263 -10.13 -13.48 -8.11
CA PRO A 263 -11.23 -12.56 -8.26
C PRO A 263 -11.29 -12.02 -9.69
N LYS A 264 -12.07 -12.70 -10.51
CA LYS A 264 -12.20 -12.30 -11.91
C LYS A 264 -13.34 -11.30 -12.09
N HIS A 265 -13.28 -10.57 -13.18
CA HIS A 265 -14.33 -9.64 -13.51
C HIS A 265 -14.43 -8.60 -12.35
N ILE A 266 -13.27 -8.08 -12.00
CA ILE A 266 -13.14 -7.19 -10.87
C ILE A 266 -13.21 -5.66 -11.04
N ARG A 267 -13.83 -5.05 -10.04
CA ARG A 267 -13.97 -3.62 -10.00
C ARG A 267 -13.61 -3.09 -8.61
N VAL A 268 -12.89 -1.99 -8.58
CA VAL A 268 -12.44 -1.44 -7.31
C VAL A 268 -12.68 0.04 -7.02
N TRP A 269 -12.74 0.36 -5.74
CA TRP A 269 -12.97 1.72 -5.31
C TRP A 269 -12.14 2.25 -4.12
N CYS A 270 -11.75 3.50 -4.25
CA CYS A 270 -10.95 4.15 -3.24
C CYS A 270 -9.61 3.58 -2.77
N PRO A 271 -8.55 4.04 -3.41
CA PRO A 271 -7.22 3.56 -3.09
C PRO A 271 -6.71 3.88 -1.68
N ARG A 272 -6.10 2.87 -1.08
CA ARG A 272 -5.57 3.00 0.26
C ARG A 272 -4.12 2.61 0.20
N PRO A 273 -3.34 3.10 1.14
CA PRO A 273 -1.92 2.73 1.17
C PRO A 273 -1.80 1.27 1.54
N PRO A 274 -0.77 0.60 1.02
CA PRO A 274 -0.66 -0.83 1.29
C PRO A 274 -0.15 -1.13 2.68
N ARG A 275 -0.50 -2.30 3.18
CA ARG A 275 -0.08 -2.71 4.50
C ARG A 275 1.45 -2.60 4.56
N ALA A 276 1.92 -1.90 5.57
CA ALA A 276 3.35 -1.71 5.74
C ALA A 276 3.98 -2.55 6.86
N VAL A 277 3.13 -2.91 7.81
CA VAL A 277 3.57 -3.72 8.93
C VAL A 277 2.81 -5.03 8.79
N ALA A 278 3.47 -6.11 9.14
CA ALA A 278 2.84 -7.43 9.05
C ALA A 278 1.49 -7.43 9.76
N TYR A 279 0.55 -8.15 9.18
CA TYR A 279 -0.78 -8.24 9.77
C TYR A 279 -0.82 -8.96 11.13
N TYR A 280 -1.88 -8.66 11.88
CA TYR A 280 -2.07 -9.27 13.17
C TYR A 280 -3.59 -9.37 13.42
N GLY A 281 -4.15 -10.46 12.94
CA GLY A 281 -5.57 -10.68 13.04
C GLY A 281 -6.26 -10.10 11.81
N PRO A 282 -7.54 -10.41 11.69
CA PRO A 282 -8.33 -9.92 10.58
C PRO A 282 -8.57 -8.41 10.50
N GLY A 283 -8.25 -7.73 11.57
CA GLY A 283 -8.41 -6.29 11.62
C GLY A 283 -7.22 -5.51 11.08
N VAL A 284 -7.06 -4.30 11.59
CA VAL A 284 -6.00 -3.43 11.16
C VAL A 284 -4.87 -3.36 12.23
N ASP A 285 -5.12 -4.04 13.33
CA ASP A 285 -4.20 -4.07 14.43
C ASP A 285 -2.80 -4.61 14.12
N TYR A 286 -1.83 -4.09 14.85
CA TYR A 286 -0.46 -4.51 14.71
C TYR A 286 0.14 -4.71 16.11
N LYS A 287 1.16 -5.54 16.15
CA LYS A 287 1.81 -5.85 17.41
C LYS A 287 3.15 -5.11 17.62
N ASP A 288 3.65 -5.24 18.83
CA ASP A 288 4.91 -4.65 19.19
C ASP A 288 6.09 -5.27 18.44
N GLY A 289 7.08 -4.43 18.18
CA GLY A 289 8.27 -4.89 17.50
C GLY A 289 8.19 -5.34 16.06
N THR A 290 7.07 -5.03 15.42
CA THR A 290 6.88 -5.38 14.03
C THR A 290 6.83 -4.05 13.26
N LEU A 291 6.60 -3.00 14.03
CA LEU A 291 6.50 -1.67 13.55
C LEU A 291 7.75 -0.97 12.97
N THR A 292 8.65 -1.79 12.47
CA THR A 292 9.88 -1.31 11.91
C THR A 292 10.15 -1.76 10.46
N PRO A 293 9.42 -1.15 9.54
CA PRO A 293 9.56 -1.55 8.14
C PRO A 293 10.76 -1.08 7.33
N LEU A 294 11.24 0.10 7.64
CA LEU A 294 12.38 0.65 6.90
C LEU A 294 13.73 0.42 7.56
N SER A 295 14.71 0.07 6.74
CA SER A 295 16.05 -0.18 7.23
C SER A 295 16.87 1.09 7.47
N THR A 296 18.18 0.91 7.47
CA THR A 296 19.07 2.04 7.68
C THR A 296 19.69 2.65 6.40
N LYS A 297 19.55 3.96 6.30
CA LYS A 297 20.08 4.68 5.16
C LYS A 297 20.37 6.17 5.42
N ASP A 298 21.64 6.50 5.30
CA ASP A 298 22.08 7.86 5.51
C ASP A 298 21.67 8.87 4.42
N LEU A 299 21.28 10.03 4.89
CA LEU A 299 20.82 11.09 4.04
C LEU A 299 21.70 11.56 2.88
N THR A 300 22.99 11.43 3.06
CA THR A 300 23.92 11.89 2.03
C THR A 300 24.65 10.85 1.19
N THR A 301 24.03 9.69 1.07
CA THR A 301 24.65 8.61 0.31
C THR A 301 23.68 7.98 -0.69
N TYR A 302 24.22 7.56 -1.81
CA TYR A 302 23.44 6.93 -2.85
C TYR A 302 23.32 5.42 -2.61
N ALA B 6 -8.66 40.40 -13.63
CA ALA B 6 -9.46 41.60 -14.04
C ALA B 6 -10.15 42.24 -12.83
N CYS B 7 -10.99 41.46 -12.19
CA CYS B 7 -11.70 41.92 -11.01
C CYS B 7 -11.00 41.55 -9.69
N GLY B 8 -9.86 40.89 -9.84
CA GLY B 8 -9.07 40.50 -8.70
C GLY B 8 -9.43 39.17 -8.06
N TYR B 9 -10.28 38.41 -8.74
CA TYR B 9 -10.67 37.11 -8.24
C TYR B 9 -9.51 36.13 -8.06
N SER B 10 -9.44 35.57 -6.87
CA SER B 10 -8.37 34.66 -6.53
C SER B 10 -8.80 33.37 -5.83
N ASP B 11 -7.98 32.35 -6.01
CA ASP B 11 -8.24 31.06 -5.41
C ASP B 11 -7.87 31.00 -3.91
N ARG B 12 -7.21 32.04 -3.47
CA ARG B 12 -6.82 32.12 -2.07
C ARG B 12 -7.98 32.74 -1.29
N VAL B 13 -8.63 33.69 -1.92
CA VAL B 13 -9.74 34.37 -1.28
C VAL B 13 -11.02 33.62 -1.65
N LEU B 14 -11.66 33.06 -0.64
CA LEU B 14 -12.89 32.33 -0.85
C LEU B 14 -13.94 32.53 0.25
N GLN B 15 -15.18 32.22 -0.12
CA GLN B 15 -16.28 32.29 0.78
C GLN B 15 -17.27 31.21 0.34
N LEU B 16 -17.67 30.41 1.31
CA LEU B 16 -18.61 29.33 1.04
C LEU B 16 -19.80 29.56 1.98
N THR B 17 -20.97 29.21 1.47
CA THR B 17 -22.19 29.40 2.23
C THR B 17 -23.16 28.19 2.23
N LEU B 18 -23.44 27.75 3.43
CA LEU B 18 -24.35 26.65 3.64
C LEU B 18 -25.33 27.06 4.75
N GLY B 19 -26.52 27.41 4.32
CA GLY B 19 -27.55 27.84 5.24
C GLY B 19 -27.47 29.29 5.73
N ASN B 20 -27.39 29.43 7.04
CA ASN B 20 -27.27 30.72 7.66
C ASN B 20 -25.85 30.89 8.19
N SER B 21 -24.93 30.20 7.53
CA SER B 21 -23.55 30.22 7.93
C SER B 21 -22.60 30.38 6.75
N THR B 22 -21.69 31.34 6.88
CA THR B 22 -20.73 31.60 5.83
C THR B 22 -19.27 31.62 6.37
N ILE B 23 -18.42 30.99 5.60
CA ILE B 23 -17.03 30.90 5.89
C ILE B 23 -16.30 31.79 4.89
N THR B 24 -15.30 32.50 5.38
CA THR B 24 -14.53 33.37 4.52
C THR B 24 -13.04 33.27 4.83
N THR B 25 -12.24 33.29 3.78
CA THR B 25 -10.80 33.23 3.94
C THR B 25 -10.03 33.99 2.86
N GLN B 26 -8.80 34.34 3.20
CA GLN B 26 -7.94 35.04 2.28
C GLN B 26 -6.68 34.28 1.91
N GLU B 27 -6.39 33.24 2.67
CA GLU B 27 -5.20 32.44 2.38
C GLU B 27 -5.51 30.96 2.11
N ALA B 28 -6.32 30.75 1.09
CA ALA B 28 -6.68 29.39 0.72
C ALA B 28 -5.74 28.85 -0.38
N ALA B 29 -5.81 27.55 -0.55
CA ALA B 29 -5.02 26.89 -1.57
C ALA B 29 -6.06 26.15 -2.42
N ASN B 30 -6.97 26.94 -2.96
CA ASN B 30 -8.04 26.42 -3.78
C ASN B 30 -8.98 25.57 -2.93
N SER B 31 -9.56 24.57 -3.57
CA SER B 31 -10.48 23.69 -2.87
C SER B 31 -10.58 22.28 -3.47
N VAL B 32 -10.59 21.30 -2.58
CA VAL B 32 -10.64 19.92 -2.98
C VAL B 32 -12.02 19.25 -2.91
N VAL B 33 -12.37 18.59 -3.99
CA VAL B 33 -13.61 17.85 -4.05
C VAL B 33 -13.17 16.38 -4.18
N ALA B 34 -13.35 15.65 -3.10
CA ALA B 34 -12.96 14.27 -3.04
C ALA B 34 -13.35 13.43 -4.27
N TYR B 35 -12.36 12.76 -4.81
CA TYR B 35 -12.57 11.92 -5.97
C TYR B 35 -13.33 12.58 -7.14
N GLY B 36 -13.35 13.89 -7.11
CA GLY B 36 -14.05 14.64 -8.12
C GLY B 36 -15.56 14.55 -8.10
N ARG B 37 -16.09 14.03 -7.00
CA ARG B 37 -17.52 13.89 -6.87
C ARG B 37 -18.16 14.83 -5.82
N TRP B 38 -19.12 15.59 -6.30
CA TRP B 38 -19.85 16.52 -5.50
C TRP B 38 -20.90 15.74 -4.73
N PRO B 39 -21.20 16.18 -3.53
CA PRO B 39 -22.23 15.46 -2.75
C PRO B 39 -23.59 15.53 -3.41
N GLU B 40 -24.35 14.46 -3.30
CA GLU B 40 -25.65 14.40 -3.93
C GLU B 40 -26.72 13.64 -3.14
N TYR B 41 -27.96 13.84 -3.54
CA TYR B 41 -29.06 13.14 -2.89
C TYR B 41 -29.16 11.74 -3.49
N LEU B 42 -29.76 10.84 -2.75
CA LEU B 42 -29.90 9.46 -3.21
C LEU B 42 -30.83 9.24 -4.41
N ARG B 43 -30.24 8.82 -5.51
CA ARG B 43 -31.00 8.59 -6.72
C ARG B 43 -31.97 7.39 -6.68
N ASP B 44 -33.06 7.55 -7.40
CA ASP B 44 -34.08 6.54 -7.48
C ASP B 44 -33.57 5.18 -7.99
N SER B 45 -32.62 5.26 -8.91
CA SER B 45 -32.04 4.08 -9.47
C SER B 45 -31.11 3.38 -8.48
N GLU B 46 -30.69 4.14 -7.48
CA GLU B 46 -29.79 3.62 -6.47
C GLU B 46 -30.41 3.39 -5.09
N ALA B 47 -31.63 3.89 -4.94
CA ALA B 47 -32.33 3.78 -3.68
C ALA B 47 -32.66 2.36 -3.20
N ASN B 48 -32.95 2.26 -1.91
CA ASN B 48 -33.31 0.99 -1.33
C ASN B 48 -34.36 0.93 -0.26
N PRO B 49 -34.28 1.85 0.73
CA PRO B 49 -35.37 1.85 1.72
C PRO B 49 -36.58 2.44 1.00
N VAL B 50 -37.73 1.88 1.30
CA VAL B 50 -38.95 2.34 0.64
C VAL B 50 -39.61 3.62 1.14
N ASP B 51 -39.55 3.81 2.45
CA ASP B 51 -40.15 4.98 3.05
C ASP B 51 -39.64 6.30 2.44
N GLN B 52 -40.50 7.30 2.50
CA GLN B 52 -40.18 8.60 1.98
C GLN B 52 -39.13 9.18 2.93
N PRO B 53 -38.04 9.64 2.36
CA PRO B 53 -36.93 10.13 3.16
C PRO B 53 -37.03 11.51 3.82
N THR B 54 -36.16 11.72 4.79
CA THR B 54 -36.10 12.96 5.50
C THR B 54 -34.95 13.81 4.96
N GLU B 55 -35.30 14.99 4.49
CA GLU B 55 -34.33 15.89 3.95
C GLU B 55 -34.49 17.16 4.78
N PRO B 56 -33.64 17.29 5.77
CA PRO B 56 -33.68 18.43 6.66
C PRO B 56 -33.24 19.77 6.08
N ASP B 57 -32.42 19.71 5.04
CA ASP B 57 -31.95 20.90 4.38
C ASP B 57 -31.11 21.80 5.30
N VAL B 58 -31.28 23.09 5.09
CA VAL B 58 -30.61 24.09 5.87
C VAL B 58 -30.60 23.81 7.36
N ALA B 59 -31.61 23.09 7.81
CA ALA B 59 -31.72 22.75 9.21
C ALA B 59 -30.47 22.01 9.72
N ALA B 60 -30.09 20.99 8.99
CA ALA B 60 -28.94 20.20 9.35
C ALA B 60 -27.72 20.59 8.52
N CYS B 61 -27.97 20.88 7.26
CA CYS B 61 -26.92 21.24 6.34
C CYS B 61 -26.36 22.68 6.43
N ARG B 62 -25.54 22.88 7.44
CA ARG B 62 -24.87 24.16 7.61
C ARG B 62 -23.55 23.89 8.34
N PHE B 63 -22.70 24.89 8.36
CA PHE B 63 -21.43 24.77 9.02
C PHE B 63 -21.51 24.60 10.53
N TYR B 64 -20.73 23.67 11.05
CA TYR B 64 -20.69 23.43 12.49
C TYR B 64 -19.26 23.41 13.01
N THR B 65 -18.99 24.27 13.97
CA THR B 65 -17.67 24.38 14.53
C THR B 65 -17.44 23.51 15.78
N LEU B 66 -16.43 22.68 15.69
CA LEU B 66 -16.06 21.81 16.77
C LEU B 66 -15.24 22.56 17.82
N ASP B 67 -14.80 21.82 18.82
CA ASP B 67 -13.95 22.39 19.86
C ASP B 67 -12.48 22.54 19.41
N THR B 68 -12.00 23.76 19.53
CA THR B 68 -10.66 24.08 19.12
C THR B 68 -9.54 23.39 19.91
N VAL B 69 -8.56 22.90 19.16
CA VAL B 69 -7.41 22.27 19.76
C VAL B 69 -6.16 23.12 19.54
N SER B 70 -5.12 22.77 20.24
CA SER B 70 -3.87 23.51 20.17
C SER B 70 -2.68 22.81 19.51
N TRP B 71 -2.03 23.53 18.62
CA TRP B 71 -0.86 22.98 17.95
C TRP B 71 0.42 23.50 18.61
N THR B 72 1.25 22.57 19.03
CA THR B 72 2.50 22.88 19.67
C THR B 72 3.55 21.92 19.11
N LYS B 73 4.77 22.08 19.59
CA LYS B 73 5.85 21.25 19.11
C LYS B 73 5.76 19.75 19.38
N GLU B 74 5.09 19.41 20.47
CA GLU B 74 4.96 18.01 20.85
C GLU B 74 3.67 17.27 20.49
N SER B 75 2.83 17.94 19.72
CA SER B 75 1.60 17.33 19.28
C SER B 75 1.94 16.31 18.19
N ARG B 76 1.29 15.16 18.26
CA ARG B 76 1.55 14.12 17.29
C ARG B 76 0.54 14.03 16.13
N GLY B 77 -0.61 14.64 16.35
CA GLY B 77 -1.65 14.64 15.37
C GLY B 77 -3.04 14.67 15.99
N TRP B 78 -4.05 14.73 15.15
CA TRP B 78 -5.42 14.76 15.63
C TRP B 78 -6.40 14.10 14.66
N TRP B 79 -7.42 13.49 15.22
CA TRP B 79 -8.42 12.80 14.41
C TRP B 79 -9.91 12.91 14.80
N TRP B 80 -10.74 12.80 13.77
CA TRP B 80 -12.16 12.83 13.96
C TRP B 80 -12.85 11.99 12.87
N LYS B 81 -14.03 11.52 13.20
CA LYS B 81 -14.80 10.71 12.28
C LYS B 81 -16.16 11.34 11.97
N LEU B 82 -16.65 11.06 10.78
CA LEU B 82 -17.95 11.54 10.38
C LEU B 82 -18.81 10.35 10.07
N PRO B 83 -20.09 10.44 10.43
CA PRO B 83 -20.67 11.61 11.09
C PRO B 83 -20.29 11.86 12.54
N ASP B 84 -19.83 10.83 13.21
CA ASP B 84 -19.49 10.94 14.62
C ASP B 84 -19.20 12.31 15.24
N ALA B 85 -18.31 13.04 14.60
CA ALA B 85 -17.92 14.33 15.09
C ALA B 85 -19.01 15.41 15.05
N LEU B 86 -20.19 14.99 14.62
CA LEU B 86 -21.29 15.90 14.51
C LEU B 86 -22.52 15.36 15.24
N ARG B 87 -22.31 14.25 15.92
CA ARG B 87 -23.39 13.61 16.65
C ARG B 87 -24.26 14.47 17.55
N ASP B 88 -23.65 15.49 18.12
CA ASP B 88 -24.37 16.39 19.00
C ASP B 88 -24.51 17.82 18.47
N MET B 89 -24.55 17.93 17.17
CA MET B 89 -24.67 19.23 16.53
C MET B 89 -26.09 19.59 16.06
N GLY B 90 -26.76 20.38 16.88
CA GLY B 90 -28.09 20.82 16.56
C GLY B 90 -29.07 19.81 15.97
N LEU B 91 -29.70 20.21 14.88
CA LEU B 91 -30.64 19.34 14.20
C LEU B 91 -30.11 18.05 13.59
N PHE B 92 -29.00 18.16 12.89
CA PHE B 92 -28.42 16.99 12.25
C PHE B 92 -28.31 15.79 13.21
N GLY B 93 -27.73 16.06 14.36
CA GLY B 93 -27.58 15.04 15.37
C GLY B 93 -28.93 14.51 15.80
N GLN B 94 -29.86 15.41 16.03
CA GLN B 94 -31.20 15.01 16.43
C GLN B 94 -31.78 14.07 15.35
N ASN B 95 -31.63 14.51 14.12
CA ASN B 95 -32.10 13.75 13.00
C ASN B 95 -31.36 12.42 12.83
N MET B 96 -30.15 12.38 13.38
CA MET B 96 -29.36 11.17 13.34
C MET B 96 -29.86 10.13 14.36
N TYR B 97 -30.07 10.62 15.57
CA TYR B 97 -30.56 9.79 16.64
C TYR B 97 -31.96 9.21 16.56
N TYR B 98 -32.78 9.80 15.70
CA TYR B 98 -34.15 9.37 15.55
C TYR B 98 -34.50 8.50 14.34
N HIS B 99 -33.53 8.39 13.44
CA HIS B 99 -33.72 7.61 12.24
C HIS B 99 -32.73 6.45 12.14
N TYR B 100 -33.24 5.31 11.73
CA TYR B 100 -32.41 4.13 11.58
C TYR B 100 -31.28 4.22 10.55
N LEU B 101 -31.59 4.86 9.44
CA LEU B 101 -30.64 5.01 8.37
C LEU B 101 -30.43 6.49 7.99
N GLY B 102 -29.46 6.70 7.12
CA GLY B 102 -29.15 8.03 6.66
C GLY B 102 -27.86 8.17 5.85
N ARG B 103 -27.79 9.24 5.10
CA ARG B 103 -26.62 9.52 4.29
C ARG B 103 -26.35 11.02 4.27
N SER B 104 -25.09 11.37 4.03
CA SER B 104 -24.70 12.75 3.98
C SER B 104 -23.26 12.97 3.48
N GLY B 105 -23.07 14.15 2.91
CA GLY B 105 -21.77 14.54 2.43
C GLY B 105 -21.38 15.66 3.38
N TYR B 106 -20.15 16.14 3.24
CA TYR B 106 -19.67 17.20 4.11
C TYR B 106 -18.61 18.07 3.47
N THR B 107 -18.56 19.32 3.90
CA THR B 107 -17.55 20.23 3.44
C THR B 107 -16.77 20.50 4.72
N VAL B 108 -15.59 19.93 4.79
CA VAL B 108 -14.76 20.10 5.98
C VAL B 108 -13.82 21.29 5.78
N HIS B 109 -13.81 22.17 6.76
CA HIS B 109 -12.95 23.32 6.71
C HIS B 109 -12.17 23.45 8.03
N VAL B 110 -10.87 23.22 7.93
CA VAL B 110 -10.00 23.30 9.07
C VAL B 110 -9.35 24.69 8.99
N GLN B 111 -9.27 25.32 10.14
CA GLN B 111 -8.67 26.63 10.22
C GLN B 111 -7.43 26.64 11.10
N CYS B 112 -6.42 27.36 10.64
CA CYS B 112 -5.18 27.48 11.38
C CYS B 112 -4.21 28.47 10.70
N ASN B 113 -4.29 29.71 11.14
CA ASN B 113 -3.41 30.73 10.62
C ASN B 113 -2.32 31.03 11.63
N ALA B 114 -1.21 31.57 11.15
CA ALA B 114 -0.10 31.88 12.03
C ALA B 114 0.45 33.23 11.63
N SER B 115 1.75 33.29 11.41
CA SER B 115 2.38 34.52 10.97
C SER B 115 3.36 34.18 9.86
N LYS B 116 3.83 35.20 9.18
CA LYS B 116 4.81 35.02 8.14
C LYS B 116 6.17 34.73 8.82
N PHE B 117 6.09 34.62 10.13
CA PHE B 117 7.25 34.32 10.93
C PHE B 117 7.15 32.94 11.63
N HIS B 118 6.03 32.30 11.37
CA HIS B 118 5.78 30.98 11.88
C HIS B 118 5.95 29.97 10.74
N GLN B 119 6.32 28.76 11.10
CA GLN B 119 6.49 27.70 10.12
C GLN B 119 5.91 26.35 10.55
N GLY B 120 5.64 25.53 9.56
CA GLY B 120 5.09 24.21 9.78
C GLY B 120 4.07 23.81 8.72
N ALA B 121 3.93 22.51 8.55
CA ALA B 121 2.98 21.99 7.58
C ALA B 121 2.09 20.91 8.21
N LEU B 122 0.81 21.05 7.97
CA LEU B 122 -0.17 20.14 8.52
C LEU B 122 -0.89 19.37 7.41
N GLY B 123 -0.87 18.07 7.54
CA GLY B 123 -1.53 17.22 6.57
C GLY B 123 -2.95 16.91 6.99
N VAL B 124 -3.89 17.39 6.21
CA VAL B 124 -5.29 17.15 6.50
C VAL B 124 -5.75 16.07 5.50
N PHE B 125 -5.99 14.90 6.05
CA PHE B 125 -6.40 13.78 5.23
C PHE B 125 -7.79 13.25 5.55
N ALA B 126 -8.57 13.04 4.50
CA ALA B 126 -9.89 12.49 4.64
C ALA B 126 -9.73 11.03 4.22
N VAL B 127 -9.97 10.15 5.18
CA VAL B 127 -9.84 8.74 4.94
C VAL B 127 -11.19 8.05 5.08
N PRO B 128 -11.74 7.61 3.97
CA PRO B 128 -12.99 6.89 4.01
C PRO B 128 -12.68 5.61 4.76
N GLU B 129 -13.60 5.20 5.61
CA GLU B 129 -13.41 4.00 6.40
C GLU B 129 -12.08 4.06 7.14
N MET B 130 -11.97 5.03 8.03
CA MET B 130 -10.77 5.20 8.81
C MET B 130 -10.84 4.28 10.04
N CYS B 131 -10.61 3.01 9.80
CA CYS B 131 -10.64 2.02 10.84
C CYS B 131 -9.23 2.08 11.47
N LEU B 132 -9.20 2.57 12.70
CA LEU B 132 -7.95 2.74 13.41
C LEU B 132 -7.51 1.47 14.13
N ALA B 133 -6.26 1.45 14.52
CA ALA B 133 -5.74 0.29 15.23
C ALA B 133 -5.88 0.38 16.75
N GLY B 134 -6.11 -0.78 17.36
CA GLY B 134 -6.28 -0.86 18.79
C GLY B 134 -5.02 -0.94 19.63
N ASP B 135 -5.21 -0.95 20.94
CA ASP B 135 -4.07 -0.96 21.85
C ASP B 135 -3.56 -2.24 22.49
N SER B 136 -4.28 -3.33 22.26
CA SER B 136 -3.90 -4.60 22.85
C SER B 136 -3.15 -5.57 21.94
N ASN B 137 -2.21 -6.27 22.55
CA ASN B 137 -1.46 -7.29 21.82
C ASN B 137 -1.98 -8.69 22.20
N THR B 138 -3.09 -8.69 22.90
CA THR B 138 -3.72 -9.91 23.33
C THR B 138 -4.98 -10.20 22.52
N THR B 139 -5.74 -9.16 22.27
CA THR B 139 -6.97 -9.28 21.53
C THR B 139 -7.12 -8.22 20.42
N THR B 140 -7.55 -8.69 19.27
CA THR B 140 -7.74 -7.84 18.12
C THR B 140 -9.16 -7.28 17.96
N MET B 141 -9.26 -6.20 17.21
CA MET B 141 -10.53 -5.54 17.01
C MET B 141 -11.26 -5.48 18.39
N HIS B 142 -10.52 -4.99 19.35
CA HIS B 142 -10.96 -4.95 20.71
C HIS B 142 -11.39 -3.61 21.32
N THR B 143 -11.35 -2.59 20.50
CA THR B 143 -11.73 -1.26 20.94
C THR B 143 -13.27 -1.11 21.05
N SER B 144 -13.70 -0.68 22.22
CA SER B 144 -15.11 -0.51 22.47
C SER B 144 -15.75 0.69 21.76
N TYR B 145 -17.06 0.64 21.64
CA TYR B 145 -17.77 1.71 20.95
C TYR B 145 -17.55 3.14 21.50
N GLN B 146 -17.46 3.20 22.81
CA GLN B 146 -17.28 4.45 23.50
C GLN B 146 -15.94 5.12 23.16
N ASN B 147 -14.90 4.31 23.15
CA ASN B 147 -13.57 4.78 22.88
C ASN B 147 -13.31 5.01 21.38
N ALA B 148 -14.07 4.28 20.58
CA ALA B 148 -13.98 4.40 19.15
C ALA B 148 -14.57 5.74 18.70
N ASN B 149 -15.69 6.09 19.30
CA ASN B 149 -16.37 7.32 18.99
C ASN B 149 -16.33 8.39 20.08
N PRO B 150 -15.29 9.21 20.02
CA PRO B 150 -15.15 10.28 21.01
C PRO B 150 -15.99 11.52 20.68
N GLY B 151 -16.57 11.50 19.50
CA GLY B 151 -17.39 12.58 19.05
C GLY B 151 -16.60 13.83 18.64
N GLU B 152 -17.17 14.98 18.95
CA GLU B 152 -16.61 16.24 18.58
C GLU B 152 -15.19 16.58 19.04
N LYS B 153 -14.84 16.05 20.20
CA LYS B 153 -13.50 16.27 20.72
C LYS B 153 -12.46 15.49 19.90
N GLY B 154 -12.91 14.43 19.28
CA GLY B 154 -12.02 13.60 18.49
C GLY B 154 -10.92 12.93 19.30
N GLY B 155 -9.90 12.47 18.60
CA GLY B 155 -8.79 11.83 19.26
C GLY B 155 -7.43 12.26 18.72
N THR B 156 -6.39 11.62 19.20
CA THR B 156 -5.04 11.95 18.77
C THR B 156 -4.20 10.72 18.38
N PHE B 157 -3.11 11.01 17.70
CA PHE B 157 -2.17 9.97 17.32
C PHE B 157 -0.99 10.01 18.28
N THR B 158 -0.25 8.92 18.31
CA THR B 158 0.90 8.84 19.20
C THR B 158 2.15 8.42 18.42
N GLY B 159 3.30 8.78 18.97
CA GLY B 159 4.56 8.44 18.35
C GLY B 159 5.18 7.12 18.82
N THR B 160 4.56 6.52 19.82
CA THR B 160 5.06 5.27 20.37
C THR B 160 3.91 4.34 20.70
N PHE B 161 4.00 3.12 20.20
CA PHE B 161 2.95 2.15 20.47
C PHE B 161 3.08 1.67 21.94
N THR B 162 1.94 1.66 22.59
CA THR B 162 1.86 1.23 23.95
C THR B 162 0.76 0.18 24.05
N PRO B 163 1.19 -1.07 24.23
CA PRO B 163 0.24 -2.15 24.37
C PRO B 163 -0.31 -2.22 25.79
N ASP B 164 -1.62 -2.31 25.89
CA ASP B 164 -2.24 -2.37 27.20
C ASP B 164 -2.00 -3.78 27.79
N ASN B 165 -1.45 -3.79 28.98
CA ASN B 165 -1.16 -5.02 29.67
C ASN B 165 -2.07 -5.30 30.87
N ASN B 166 -3.12 -4.49 30.96
CA ASN B 166 -4.10 -4.65 31.99
C ASN B 166 -5.14 -5.65 31.45
N GLN B 167 -4.90 -6.91 31.76
CA GLN B 167 -5.76 -7.98 31.33
C GLN B 167 -7.02 -8.17 32.18
N THR B 168 -7.06 -7.46 33.29
CA THR B 168 -8.18 -7.53 34.19
C THR B 168 -9.34 -6.67 33.66
N SER B 169 -9.02 -5.42 33.35
CA SER B 169 -9.99 -4.52 32.80
C SER B 169 -9.31 -3.67 31.73
N PRO B 170 -9.12 -4.27 30.57
CA PRO B 170 -8.44 -3.58 29.49
C PRO B 170 -8.99 -2.20 29.10
N ALA B 171 -8.12 -1.39 28.54
CA ALA B 171 -8.50 -0.06 28.12
C ALA B 171 -9.43 -0.01 26.91
N ARG B 172 -9.27 -0.98 26.04
CA ARG B 172 -10.10 -1.09 24.87
C ARG B 172 -10.22 0.17 24.01
N ARG B 173 -9.08 0.78 23.74
CA ARG B 173 -9.07 1.97 22.92
C ARG B 173 -8.12 1.82 21.72
N PHE B 174 -7.99 2.89 20.96
CA PHE B 174 -7.09 2.88 19.83
C PHE B 174 -5.72 3.38 20.29
N CYS B 175 -4.70 2.96 19.55
CA CYS B 175 -3.36 3.38 19.83
C CYS B 175 -2.80 3.60 18.42
N PRO B 176 -3.21 4.69 17.81
CA PRO B 176 -2.82 4.97 16.44
C PRO B 176 -1.45 5.65 16.27
N VAL B 177 -0.49 4.85 15.85
CA VAL B 177 0.85 5.36 15.63
C VAL B 177 0.87 6.30 14.42
N ASP B 178 1.45 7.47 14.64
CA ASP B 178 1.51 8.48 13.61
C ASP B 178 2.13 8.14 12.26
N TYR B 179 3.32 7.58 12.30
CA TYR B 179 3.99 7.24 11.05
C TYR B 179 3.37 6.10 10.22
N LEU B 180 2.52 5.35 10.89
CA LEU B 180 1.83 4.26 10.26
C LEU B 180 0.36 4.68 10.06
N LEU B 181 0.16 5.98 10.16
CA LEU B 181 -1.13 6.58 10.06
C LEU B 181 -2.16 5.72 10.80
N GLY B 182 -1.79 5.35 12.01
CA GLY B 182 -2.62 4.54 12.85
C GLY B 182 -3.32 3.30 12.31
N ASN B 183 -3.00 2.95 11.08
CA ASN B 183 -3.62 1.83 10.42
C ASN B 183 -2.67 0.76 9.94
N GLY B 184 -1.38 0.97 10.16
CA GLY B 184 -0.38 0.01 9.74
C GLY B 184 0.16 0.29 8.33
N THR B 185 -0.04 1.52 7.89
CA THR B 185 0.42 1.92 6.59
C THR B 185 1.13 3.28 6.67
N LEU B 186 2.30 3.34 6.07
CA LEU B 186 3.09 4.54 6.10
C LEU B 186 2.31 5.82 5.81
N LEU B 187 2.50 6.80 6.66
CA LEU B 187 1.83 8.08 6.46
C LEU B 187 2.16 8.70 5.10
N GLY B 188 3.34 8.39 4.62
CA GLY B 188 3.78 8.90 3.34
C GLY B 188 2.84 8.74 2.15
N ASN B 189 2.16 7.61 2.13
CA ASN B 189 1.22 7.32 1.07
C ASN B 189 -0.14 7.94 1.33
N ALA B 190 -0.30 8.50 2.51
CA ALA B 190 -1.55 9.13 2.89
C ALA B 190 -2.13 10.04 1.80
N PHE B 191 -1.24 10.53 0.96
CA PHE B 191 -1.62 11.42 -0.11
C PHE B 191 -2.53 10.80 -1.19
N VAL B 192 -2.72 9.50 -1.07
CA VAL B 192 -3.58 8.78 -1.97
C VAL B 192 -5.06 9.17 -1.70
N PHE B 193 -5.29 9.59 -0.47
CA PHE B 193 -6.58 10.05 -0.06
C PHE B 193 -6.67 11.51 -0.46
N PRO B 194 -7.88 11.97 -0.70
CA PRO B 194 -8.08 13.37 -1.01
C PRO B 194 -7.49 14.15 0.17
N HIS B 195 -6.71 15.16 -0.13
CA HIS B 195 -6.05 15.91 0.91
C HIS B 195 -5.53 17.31 0.55
N GLN B 196 -5.07 18.02 1.56
CA GLN B 196 -4.49 19.32 1.40
C GLN B 196 -3.45 19.49 2.51
N ILE B 197 -2.61 20.48 2.34
CA ILE B 197 -1.58 20.76 3.34
C ILE B 197 -1.60 22.22 3.79
N ILE B 198 -1.83 22.40 5.07
CA ILE B 198 -1.86 23.75 5.63
C ILE B 198 -0.41 24.14 5.96
N ASN B 199 0.28 24.60 4.94
CA ASN B 199 1.66 25.02 5.13
C ASN B 199 1.63 26.53 5.44
N LEU B 200 1.85 26.83 6.71
CA LEU B 200 1.82 28.18 7.19
C LEU B 200 2.24 29.34 6.27
N ARG B 201 3.32 29.12 5.55
CA ARG B 201 3.80 30.10 4.61
C ARG B 201 2.68 30.53 3.65
N THR B 202 2.16 29.54 2.93
CA THR B 202 1.15 29.74 1.95
C THR B 202 -0.29 29.91 2.42
N ASN B 203 -0.76 28.90 3.14
CA ASN B 203 -2.14 28.85 3.55
C ASN B 203 -2.52 28.75 5.04
N ASN B 204 -3.70 29.24 5.33
CA ASN B 204 -4.22 29.24 6.66
C ASN B 204 -5.35 28.23 6.85
N CYS B 205 -5.78 27.67 5.74
CA CYS B 205 -6.88 26.73 5.77
C CYS B 205 -6.83 25.61 4.72
N ALA B 206 -7.68 24.63 4.93
CA ALA B 206 -7.78 23.52 4.03
C ALA B 206 -9.27 23.23 3.92
N THR B 207 -9.74 23.15 2.69
CA THR B 207 -11.15 22.90 2.45
C THR B 207 -11.31 21.65 1.57
N LEU B 208 -12.08 20.71 2.07
CA LEU B 208 -12.33 19.50 1.33
C LEU B 208 -13.84 19.21 1.31
N VAL B 209 -14.31 18.83 0.14
CA VAL B 209 -15.70 18.50 -0.04
C VAL B 209 -15.74 16.98 -0.22
N LEU B 210 -16.45 16.34 0.69
CA LEU B 210 -16.55 14.89 0.66
C LEU B 210 -17.97 14.40 0.40
N PRO B 211 -18.11 13.58 -0.62
CA PRO B 211 -19.43 13.01 -0.90
C PRO B 211 -19.65 11.80 0.02
N TYR B 212 -20.86 11.28 0.00
CA TYR B 212 -21.17 10.12 0.82
C TYR B 212 -20.52 8.88 0.21
N VAL B 213 -19.69 8.23 1.01
CA VAL B 213 -19.00 7.05 0.55
C VAL B 213 -19.15 5.82 1.46
N ASN B 214 -19.66 4.76 0.86
CA ASN B 214 -19.91 3.53 1.56
C ASN B 214 -20.00 2.41 0.52
N SER B 215 -20.31 1.23 1.00
CA SER B 215 -20.51 0.09 0.13
C SER B 215 -21.99 -0.01 -0.26
N LEU B 216 -22.77 0.88 0.31
CA LEU B 216 -24.18 0.95 0.03
C LEU B 216 -24.73 2.37 0.03
N SER B 217 -25.87 2.52 -0.61
CA SER B 217 -26.52 3.81 -0.71
C SER B 217 -26.73 4.57 0.59
N ILE B 218 -27.27 3.88 1.58
CA ILE B 218 -27.44 4.48 2.89
C ILE B 218 -27.09 3.46 3.97
N ASP B 219 -26.73 3.96 5.13
CA ASP B 219 -26.32 3.10 6.23
C ASP B 219 -26.68 3.74 7.56
N SER B 220 -26.52 2.97 8.62
CA SER B 220 -26.81 3.47 9.95
C SER B 220 -25.61 4.30 10.42
N MET B 221 -25.80 5.61 10.40
CA MET B 221 -24.75 6.52 10.82
C MET B 221 -24.39 6.37 12.30
N VAL B 222 -25.31 5.80 13.05
CA VAL B 222 -25.10 5.60 14.46
C VAL B 222 -24.10 4.45 14.68
N LYS B 223 -24.22 3.45 13.84
CA LYS B 223 -23.33 2.31 13.91
C LYS B 223 -22.04 2.42 13.11
N HIS B 224 -22.09 3.22 12.06
CA HIS B 224 -20.94 3.32 11.16
C HIS B 224 -20.47 4.68 10.61
N ASN B 225 -19.17 4.89 10.75
CA ASN B 225 -18.53 6.09 10.28
C ASN B 225 -17.97 5.89 8.88
N ASN B 226 -18.37 6.77 7.98
CA ASN B 226 -17.94 6.66 6.59
C ASN B 226 -16.64 7.40 6.19
N TRP B 227 -16.39 8.47 6.90
CA TRP B 227 -15.20 9.27 6.66
C TRP B 227 -14.45 9.65 7.93
N GLY B 228 -13.14 9.67 7.82
CA GLY B 228 -12.28 10.04 8.92
C GLY B 228 -11.50 11.30 8.57
N ILE B 229 -11.17 12.07 9.59
CA ILE B 229 -10.45 13.31 9.40
C ILE B 229 -9.13 13.24 10.17
N ALA B 230 -8.05 13.12 9.42
CA ALA B 230 -6.74 13.03 10.02
C ALA B 230 -5.88 14.26 9.74
N ILE B 231 -5.39 14.85 10.81
CA ILE B 231 -4.56 16.04 10.71
C ILE B 231 -3.24 15.80 11.44
N LEU B 232 -2.18 15.71 10.67
CA LEU B 232 -0.87 15.49 11.25
C LEU B 232 0.17 16.48 10.74
N PRO B 233 0.96 17.02 11.67
CA PRO B 233 1.99 17.95 11.26
C PRO B 233 3.05 17.21 10.44
N LEU B 234 3.19 17.64 9.20
CA LEU B 234 4.18 17.05 8.32
C LEU B 234 5.53 17.69 8.68
N ALA B 235 5.49 18.99 8.88
CA ALA B 235 6.66 19.73 9.27
C ALA B 235 6.36 20.22 10.68
N PRO B 236 7.40 20.44 11.46
CA PRO B 236 7.17 20.87 12.85
C PRO B 236 6.82 22.35 13.01
N LEU B 237 6.14 22.64 14.11
CA LEU B 237 5.75 23.99 14.41
C LEU B 237 6.84 24.76 15.17
N ASN B 238 7.36 25.77 14.51
CA ASN B 238 8.35 26.62 15.10
C ASN B 238 8.07 28.11 14.88
N PHE B 239 8.47 28.90 15.84
CA PHE B 239 8.30 30.33 15.75
C PHE B 239 9.53 31.07 16.28
N ALA B 240 10.03 31.98 15.47
CA ALA B 240 11.20 32.75 15.82
C ALA B 240 12.32 31.92 16.47
N SER B 241 12.39 32.03 17.78
CA SER B 241 13.37 31.29 18.54
C SER B 241 12.86 30.83 19.92
N GLU B 242 11.55 30.93 20.08
CA GLU B 242 10.92 30.52 21.31
C GLU B 242 10.93 28.99 21.46
N SER B 243 10.73 28.55 22.68
CA SER B 243 10.73 27.12 22.97
C SER B 243 9.40 26.36 22.95
N SER B 244 8.34 27.06 23.29
CA SER B 244 7.03 26.45 23.30
C SER B 244 5.93 27.29 22.68
N PRO B 245 5.96 27.37 21.34
CA PRO B 245 4.93 28.16 20.68
C PRO B 245 3.61 27.37 20.60
N GLU B 246 2.54 28.11 20.31
CA GLU B 246 1.24 27.51 20.21
C GLU B 246 0.38 28.24 19.19
N ILE B 247 -0.35 27.47 18.42
CA ILE B 247 -1.29 28.03 17.45
C ILE B 247 -2.51 27.13 17.40
N PRO B 248 -3.67 27.74 17.56
CA PRO B 248 -4.90 26.98 17.56
C PRO B 248 -5.34 26.44 16.19
N ILE B 249 -6.03 25.32 16.22
CA ILE B 249 -6.53 24.72 15.01
C ILE B 249 -8.03 24.51 15.25
N THR B 250 -8.81 24.85 14.25
CA THR B 250 -10.25 24.71 14.39
C THR B 250 -10.94 24.09 13.16
N LEU B 251 -11.87 23.20 13.44
CA LEU B 251 -12.61 22.54 12.39
C LEU B 251 -14.12 22.83 12.42
N THR B 252 -14.61 23.25 11.27
CA THR B 252 -16.01 23.54 11.10
C THR B 252 -16.43 22.57 10.00
N ILE B 253 -17.49 21.84 10.29
CA ILE B 253 -17.98 20.83 9.37
C ILE B 253 -19.44 21.06 9.02
N ALA B 254 -19.77 20.78 7.78
CA ALA B 254 -21.13 20.95 7.30
C ALA B 254 -21.61 19.76 6.47
N PRO B 255 -22.72 19.19 6.89
CA PRO B 255 -23.30 18.10 6.13
C PRO B 255 -23.80 18.69 4.83
N MET B 256 -23.98 17.84 3.83
CA MET B 256 -24.45 18.30 2.54
C MET B 256 -25.35 17.20 2.02
N CYS B 257 -26.45 17.59 1.41
CA CYS B 257 -27.42 16.63 0.90
C CYS B 257 -27.84 15.60 1.98
N CYS B 258 -28.12 16.14 3.14
CA CYS B 258 -28.52 15.35 4.28
C CYS B 258 -29.90 14.72 4.19
N GLU B 259 -29.92 13.40 4.27
CA GLU B 259 -31.17 12.66 4.20
C GLU B 259 -31.21 11.44 5.14
N PHE B 260 -32.40 11.19 5.65
CA PHE B 260 -32.58 10.08 6.57
C PHE B 260 -33.91 9.35 6.42
N ASN B 261 -33.89 8.06 6.72
CA ASN B 261 -35.08 7.25 6.64
C ASN B 261 -35.28 6.37 7.86
N GLY B 262 -36.41 5.68 7.89
CA GLY B 262 -36.71 4.79 8.98
C GLY B 262 -36.80 5.57 10.29
N LEU B 263 -37.74 6.51 10.33
CA LEU B 263 -37.95 7.31 11.51
C LEU B 263 -38.63 6.42 12.58
N ARG B 264 -38.18 6.61 13.80
CA ARG B 264 -38.62 5.82 14.91
C ARG B 264 -38.33 6.58 16.20
N ASN B 265 -38.34 5.86 17.30
CA ASN B 265 -38.04 6.46 18.58
C ASN B 265 -36.54 6.81 18.80
N ILE B 266 -36.33 7.73 19.72
CA ILE B 266 -35.01 8.17 20.05
C ILE B 266 -33.99 7.11 20.45
N THR B 267 -32.80 7.24 19.88
CA THR B 267 -31.71 6.33 20.20
C THR B 267 -30.93 6.98 21.32
N LEU B 268 -30.74 6.24 22.40
CA LEU B 268 -29.97 6.75 23.51
C LEU B 268 -28.79 5.83 23.75
N PRO B 269 -27.71 6.07 23.00
CA PRO B 269 -26.53 5.21 23.15
C PRO B 269 -25.73 5.53 24.41
N ARG B 270 -24.99 4.53 24.87
CA ARG B 270 -24.14 4.71 26.03
C ARG B 270 -22.81 5.23 25.47
N LEU B 271 -22.54 6.48 25.74
CA LEU B 271 -21.32 7.10 25.22
C LEU B 271 -20.11 7.01 26.15
N GLN B 272 -20.37 6.65 27.39
CA GLN B 272 -19.31 6.55 28.37
C GLN B 272 -19.25 5.15 28.99
N GLY C 1 -18.31 -41.19 -29.60
CA GLY C 1 -18.14 -39.72 -29.48
C GLY C 1 -17.14 -39.15 -30.48
N LEU C 2 -17.10 -37.83 -30.55
CA LEU C 2 -16.17 -37.17 -31.43
C LEU C 2 -14.76 -37.57 -31.03
N PRO C 3 -14.02 -38.11 -32.00
CA PRO C 3 -12.65 -38.50 -31.74
C PRO C 3 -11.81 -37.30 -31.31
N VAL C 4 -11.23 -37.41 -30.14
CA VAL C 4 -10.43 -36.33 -29.61
C VAL C 4 -9.04 -36.80 -29.15
N MET C 5 -8.14 -35.84 -29.04
CA MET C 5 -6.78 -36.17 -28.62
C MET C 5 -6.21 -35.22 -27.54
N ASN C 6 -5.71 -35.82 -26.49
CA ASN C 6 -5.13 -35.07 -25.40
C ASN C 6 -3.70 -34.60 -25.70
N THR C 7 -3.52 -33.30 -25.66
CA THR C 7 -2.23 -32.71 -25.90
C THR C 7 -1.63 -32.26 -24.58
N PRO C 8 -0.32 -32.12 -24.54
CA PRO C 8 0.34 -31.70 -23.31
C PRO C 8 -0.27 -30.51 -22.56
N GLY C 9 -0.25 -30.61 -21.25
CA GLY C 9 -0.80 -29.57 -20.41
C GLY C 9 -2.16 -29.95 -19.87
N SER C 10 -2.74 -30.99 -20.44
CA SER C 10 -4.04 -31.45 -20.01
C SER C 10 -3.99 -31.81 -18.52
N ASN C 11 -5.07 -31.49 -17.84
CA ASN C 11 -5.21 -31.80 -16.45
C ASN C 11 -4.42 -30.93 -15.48
N GLN C 12 -3.54 -30.12 -16.01
CA GLN C 12 -2.73 -29.26 -15.14
C GLN C 12 -3.45 -28.00 -14.63
N TYR C 13 -2.91 -27.45 -13.56
CA TYR C 13 -3.44 -26.24 -13.00
C TYR C 13 -2.41 -25.10 -12.98
N LEU C 14 -2.61 -24.18 -13.89
CA LEU C 14 -1.76 -23.01 -13.96
C LEU C 14 -2.61 -21.92 -13.30
N THR C 15 -2.05 -21.29 -12.29
CA THR C 15 -2.76 -20.29 -11.54
C THR C 15 -3.07 -19.03 -12.38
N ALA C 16 -2.31 -18.91 -13.46
CA ALA C 16 -2.48 -17.79 -14.35
C ALA C 16 -3.49 -18.07 -15.47
N ASP C 17 -4.20 -19.17 -15.33
CA ASP C 17 -5.18 -19.56 -16.32
C ASP C 17 -6.43 -18.67 -16.38
N ASN C 18 -7.14 -18.78 -17.48
CA ASN C 18 -8.34 -17.99 -17.66
C ASN C 18 -9.34 -18.78 -18.53
N PHE C 19 -10.18 -19.52 -17.84
CA PHE C 19 -11.18 -20.32 -18.51
C PHE C 19 -12.52 -20.19 -17.79
N GLN C 20 -13.54 -20.76 -18.40
CA GLN C 20 -14.86 -20.77 -17.81
C GLN C 20 -14.98 -22.01 -16.94
N SER C 21 -15.93 -21.98 -16.03
CA SER C 21 -16.16 -23.12 -15.15
C SER C 21 -17.60 -23.13 -14.65
N PRO C 22 -18.07 -24.28 -14.24
CA PRO C 22 -19.45 -24.36 -13.77
C PRO C 22 -19.73 -23.52 -12.52
N CYS C 23 -20.90 -22.94 -12.48
CA CYS C 23 -21.27 -22.10 -11.36
C CYS C 23 -21.81 -22.86 -10.15
N ALA C 24 -21.40 -22.42 -8.98
CA ALA C 24 -21.83 -23.02 -7.74
C ALA C 24 -23.23 -22.63 -7.29
N LEU C 25 -23.66 -21.45 -7.70
CA LEU C 25 -24.98 -20.98 -7.31
C LEU C 25 -25.75 -20.41 -8.50
N PRO C 26 -26.30 -21.30 -9.30
CA PRO C 26 -27.01 -20.87 -10.49
C PRO C 26 -28.22 -19.99 -10.23
N GLU C 27 -28.46 -19.06 -11.13
CA GLU C 27 -29.57 -18.15 -10.99
C GLU C 27 -29.61 -17.22 -9.76
N PHE C 28 -28.43 -16.95 -9.24
CA PHE C 28 -28.30 -16.09 -8.09
C PHE C 28 -28.53 -14.63 -8.52
N ASP C 29 -29.44 -13.99 -7.82
CA ASP C 29 -29.77 -12.61 -8.13
C ASP C 29 -28.68 -11.68 -7.55
N VAL C 30 -27.74 -11.35 -8.42
CA VAL C 30 -26.64 -10.52 -8.07
C VAL C 30 -27.16 -9.10 -7.84
N THR C 31 -26.61 -8.46 -6.81
CA THR C 31 -27.00 -7.11 -6.49
C THR C 31 -26.29 -6.11 -7.42
N PRO C 32 -27.09 -5.31 -8.10
CA PRO C 32 -26.56 -4.33 -9.01
C PRO C 32 -25.64 -3.34 -8.33
N PRO C 33 -24.64 -2.87 -9.06
CA PRO C 33 -23.72 -1.88 -8.49
C PRO C 33 -24.29 -0.46 -8.43
N ILE C 34 -23.72 0.33 -7.55
CA ILE C 34 -24.10 1.72 -7.42
C ILE C 34 -22.87 2.59 -7.65
N ASP C 35 -23.12 3.81 -8.08
CA ASP C 35 -22.01 4.71 -8.38
C ASP C 35 -21.26 5.14 -7.09
N ILE C 36 -20.23 4.37 -6.79
CA ILE C 36 -19.39 4.64 -5.66
C ILE C 36 -18.31 5.51 -6.27
N PRO C 37 -18.18 6.72 -5.78
CA PRO C 37 -17.15 7.61 -6.30
C PRO C 37 -15.73 7.07 -6.07
N GLY C 38 -14.83 7.44 -6.95
CA GLY C 38 -13.45 7.01 -6.83
C GLY C 38 -12.96 5.64 -7.29
N GLU C 39 -13.56 5.16 -8.37
CA GLU C 39 -13.17 3.88 -8.91
C GLU C 39 -11.86 4.00 -9.68
N VAL C 40 -11.06 2.95 -9.60
CA VAL C 40 -9.77 2.97 -10.28
C VAL C 40 -9.74 1.97 -11.42
N LYS C 41 -9.14 2.38 -12.52
CA LYS C 41 -9.05 1.50 -13.69
C LYS C 41 -7.76 0.71 -13.84
N ASN C 42 -6.67 1.33 -13.40
CA ASN C 42 -5.37 0.71 -13.52
C ASN C 42 -4.40 1.16 -12.40
N MET C 43 -3.45 0.30 -12.11
CA MET C 43 -2.50 0.56 -11.05
C MET C 43 -1.57 1.77 -11.21
N MET C 44 -1.31 2.12 -12.46
CA MET C 44 -0.46 3.23 -12.77
C MET C 44 -0.98 4.61 -12.38
N GLU C 45 -2.30 4.74 -12.35
CA GLU C 45 -2.89 6.02 -12.00
C GLU C 45 -2.75 6.33 -10.51
N LEU C 46 -2.48 5.29 -9.75
CA LEU C 46 -2.24 5.44 -8.34
C LEU C 46 -0.78 5.89 -8.34
N ALA C 47 -0.01 5.32 -9.25
CA ALA C 47 1.39 5.67 -9.36
C ALA C 47 1.66 7.13 -9.70
N GLU C 48 0.76 7.70 -10.48
CA GLU C 48 0.91 9.10 -10.86
C GLU C 48 0.62 10.10 -9.75
N ILE C 49 0.07 9.60 -8.67
CA ILE C 49 -0.22 10.47 -7.53
C ILE C 49 1.04 10.63 -6.69
N ASP C 50 1.29 11.87 -6.29
CA ASP C 50 2.46 12.17 -5.50
C ASP C 50 2.44 11.74 -4.03
N THR C 51 3.38 10.89 -3.68
CA THR C 51 3.51 10.41 -2.32
C THR C 51 4.83 10.89 -1.68
N MET C 52 4.78 11.10 -0.38
CA MET C 52 5.94 11.62 0.32
C MET C 52 7.09 10.63 0.61
N ILE C 53 8.27 11.07 0.26
CA ILE C 53 9.46 10.27 0.38
C ILE C 53 10.16 10.30 1.74
N PRO C 54 10.30 9.15 2.35
CA PRO C 54 11.01 9.07 3.62
C PRO C 54 12.52 9.17 3.37
N PHE C 55 12.97 10.39 3.17
CA PHE C 55 14.37 10.63 2.89
C PHE C 55 15.42 10.19 3.90
N ASP C 56 15.56 10.97 4.96
CA ASP C 56 16.59 10.69 5.95
C ASP C 56 16.22 9.44 6.78
N LEU C 57 16.88 8.35 6.46
CA LEU C 57 16.59 7.09 7.10
C LEU C 57 17.72 6.63 8.06
N SER C 58 18.16 7.59 8.86
CA SER C 58 19.19 7.34 9.84
C SER C 58 18.65 6.52 11.01
N ALA C 59 19.57 5.89 11.71
CA ALA C 59 19.20 5.07 12.85
C ALA C 59 18.18 5.73 13.81
N THR C 60 18.38 7.01 14.02
CA THR C 60 17.51 7.78 14.86
C THR C 60 16.18 8.16 14.22
N LYS C 61 16.25 8.54 12.96
CA LYS C 61 15.06 8.97 12.25
C LYS C 61 14.17 7.95 11.55
N LYS C 62 14.77 6.83 11.18
CA LYS C 62 14.02 5.79 10.49
C LYS C 62 12.82 5.32 11.31
N ASN C 63 11.76 4.99 10.59
CA ASN C 63 10.54 4.55 11.23
C ASN C 63 9.90 5.57 12.19
N THR C 64 10.14 6.84 11.90
CA THR C 64 9.58 7.91 12.68
C THR C 64 9.21 9.04 11.71
N MET C 65 8.22 9.81 12.12
CA MET C 65 7.75 10.91 11.32
C MET C 65 8.86 11.81 10.72
N GLU C 66 9.96 11.86 11.45
CA GLU C 66 11.09 12.63 11.09
C GLU C 66 11.79 12.21 9.81
N MET C 67 11.59 10.96 9.43
CA MET C 67 12.24 10.46 8.22
C MET C 67 11.73 11.12 6.92
N TYR C 68 10.61 11.80 7.07
CA TYR C 68 10.02 12.51 5.96
C TYR C 68 10.54 13.94 5.85
N ARG C 69 11.23 14.36 6.89
CA ARG C 69 11.75 15.71 6.95
C ARG C 69 13.24 15.84 6.57
N VAL C 70 13.50 16.83 5.75
CA VAL C 70 14.86 17.10 5.32
C VAL C 70 15.23 18.53 5.79
N ARG C 71 15.95 18.56 6.89
CA ARG C 71 16.34 19.81 7.48
C ARG C 71 17.33 20.70 6.68
N LEU C 72 16.95 21.95 6.56
CA LEU C 72 17.74 22.94 5.87
C LEU C 72 18.16 24.01 6.89
N SER C 73 19.23 24.70 6.56
CA SER C 73 19.73 25.75 7.43
C SER C 73 20.22 27.01 6.71
N ASP C 74 20.37 28.08 7.47
CA ASP C 74 20.85 29.33 6.91
C ASP C 74 22.40 29.49 6.91
N LYS C 75 23.05 28.35 7.03
CA LYS C 75 24.47 28.28 7.00
C LYS C 75 25.03 28.84 5.69
N PRO C 76 26.19 29.46 5.76
CA PRO C 76 26.79 30.00 4.54
C PRO C 76 26.92 28.96 3.45
N HIS C 77 26.88 29.41 2.20
CA HIS C 77 26.95 28.48 1.09
C HIS C 77 28.06 27.39 1.12
N THR C 78 27.64 26.19 0.74
CA THR C 78 28.53 25.07 0.67
C THR C 78 28.14 24.33 -0.61
N ASP C 79 29.10 23.61 -1.16
CA ASP C 79 28.87 22.90 -2.38
C ASP C 79 28.50 21.41 -2.16
N ASP C 80 28.25 21.11 -0.90
CA ASP C 80 27.91 19.78 -0.48
C ASP C 80 26.42 19.48 -0.67
N PRO C 81 26.14 18.26 -1.08
CA PRO C 81 24.74 17.89 -1.28
C PRO C 81 23.87 17.93 -0.03
N ILE C 82 22.59 18.18 -0.23
CA ILE C 82 21.66 18.22 0.87
C ILE C 82 21.16 16.79 1.01
N LEU C 83 20.94 16.15 -0.12
CA LEU C 83 20.50 14.77 -0.13
C LEU C 83 20.89 14.03 -1.42
N CYS C 84 21.33 12.80 -1.25
CA CYS C 84 21.72 11.98 -2.36
C CYS C 84 20.71 10.83 -2.53
N LEU C 85 20.34 10.57 -3.76
CA LEU C 85 19.36 9.54 -4.03
C LEU C 85 19.60 8.78 -5.34
N SER C 86 19.50 7.47 -5.25
CA SER C 86 19.71 6.63 -6.42
C SER C 86 18.45 6.31 -7.19
N LEU C 87 18.54 6.33 -8.50
CA LEU C 87 17.38 6.04 -9.33
C LEU C 87 17.03 4.54 -9.44
N SER C 88 16.55 4.01 -8.33
CA SER C 88 16.15 2.65 -8.24
C SER C 88 14.84 2.80 -7.49
N PRO C 89 13.81 3.19 -8.23
CA PRO C 89 12.52 3.44 -7.64
C PRO C 89 11.94 2.29 -6.84
N ALA C 90 12.16 1.08 -7.34
CA ALA C 90 11.63 -0.09 -6.69
C ALA C 90 12.53 -0.85 -5.73
N SER C 91 13.76 -0.40 -5.63
CA SER C 91 14.70 -1.09 -4.75
C SER C 91 15.52 -0.36 -3.69
N ASP C 92 15.55 0.95 -3.80
CA ASP C 92 16.29 1.75 -2.84
C ASP C 92 15.34 2.17 -1.70
N PRO C 93 15.72 1.77 -0.50
CA PRO C 93 14.96 2.04 0.67
C PRO C 93 14.06 3.29 0.69
N ARG C 94 14.67 4.41 0.35
CA ARG C 94 13.97 5.67 0.34
C ARG C 94 12.83 5.77 -0.67
N LEU C 95 13.00 5.08 -1.79
CA LEU C 95 11.96 5.07 -2.80
C LEU C 95 11.05 3.85 -2.67
N SER C 96 11.63 2.78 -2.15
CA SER C 96 10.92 1.54 -1.99
C SER C 96 9.59 1.48 -1.25
N HIS C 97 9.39 2.42 -0.35
CA HIS C 97 8.15 2.45 0.41
C HIS C 97 7.07 3.46 -0.01
N THR C 98 7.37 4.21 -1.05
CA THR C 98 6.41 5.17 -1.57
C THR C 98 5.43 4.36 -2.40
N MET C 99 4.22 4.86 -2.54
CA MET C 99 3.21 4.15 -3.32
C MET C 99 3.78 3.70 -4.67
N LEU C 100 4.41 4.64 -5.34
CA LEU C 100 5.02 4.38 -6.61
C LEU C 100 5.86 3.10 -6.54
N GLY C 101 6.84 3.13 -5.66
CA GLY C 101 7.70 1.98 -5.47
C GLY C 101 6.97 0.73 -5.03
N GLU C 102 6.19 0.87 -3.98
CA GLU C 102 5.42 -0.25 -3.46
C GLU C 102 4.70 -0.93 -4.64
N ILE C 103 4.11 -0.11 -5.47
CA ILE C 103 3.44 -0.61 -6.66
C ILE C 103 4.47 -1.35 -7.51
N LEU C 104 5.56 -0.67 -7.80
CA LEU C 104 6.62 -1.30 -8.59
C LEU C 104 7.05 -2.66 -8.09
N ASN C 105 6.86 -2.89 -6.80
CA ASN C 105 7.21 -4.16 -6.21
C ASN C 105 6.34 -5.35 -6.62
N TYR C 106 5.27 -5.03 -7.34
CA TYR C 106 4.38 -6.05 -7.84
C TYR C 106 4.69 -6.42 -9.29
N TYR C 107 5.68 -5.74 -9.84
CA TYR C 107 6.09 -5.98 -11.20
C TYR C 107 7.60 -6.19 -11.26
N THR C 108 8.06 -6.63 -12.42
CA THR C 108 9.48 -6.89 -12.59
C THR C 108 10.21 -5.88 -13.47
N HIS C 109 9.46 -5.28 -14.38
CA HIS C 109 10.02 -4.28 -15.27
C HIS C 109 9.35 -2.94 -15.08
N TRP C 110 10.13 -1.88 -15.17
CA TRP C 110 9.57 -0.54 -15.05
C TRP C 110 10.16 0.39 -16.12
N ALA C 111 9.28 1.18 -16.71
CA ALA C 111 9.71 2.09 -17.75
C ALA C 111 8.94 3.42 -17.77
N GLY C 112 9.62 4.44 -18.27
CA GLY C 112 9.01 5.75 -18.36
C GLY C 112 9.60 6.86 -17.50
N SER C 113 8.98 8.02 -17.55
CA SER C 113 9.44 9.16 -16.81
C SER C 113 8.89 9.36 -15.39
N LEU C 114 9.71 9.97 -14.55
CA LEU C 114 9.34 10.23 -13.18
C LEU C 114 9.51 11.70 -12.80
N LYS C 115 8.76 12.10 -11.78
CA LYS C 115 8.83 13.48 -11.33
C LYS C 115 8.99 13.66 -9.82
N PHE C 116 9.95 14.52 -9.47
CA PHE C 116 10.23 14.81 -8.09
C PHE C 116 9.78 16.23 -7.73
N THR C 117 8.84 16.29 -6.81
CA THR C 117 8.35 17.58 -6.36
C THR C 117 8.80 17.83 -4.92
N PHE C 118 9.26 19.04 -4.69
CA PHE C 118 9.76 19.42 -3.38
C PHE C 118 8.98 20.58 -2.76
N LEU C 119 8.69 20.43 -1.49
CA LEU C 119 7.94 21.42 -0.76
C LEU C 119 8.70 22.10 0.40
N PHE C 120 8.90 23.39 0.22
CA PHE C 120 9.52 24.22 1.21
C PHE C 120 8.49 24.55 2.29
N CYS C 121 8.81 24.16 3.50
CA CYS C 121 7.92 24.40 4.61
C CYS C 121 8.51 25.28 5.73
N GLY C 122 9.28 26.25 5.29
CA GLY C 122 9.88 27.21 6.18
C GLY C 122 8.96 28.43 6.22
N SER C 123 9.41 29.46 6.89
CA SER C 123 8.63 30.68 7.00
C SER C 123 8.60 31.49 5.71
N MET C 124 7.58 32.34 5.61
CA MET C 124 7.47 33.22 4.47
C MET C 124 8.63 34.19 4.31
N MET C 125 9.21 34.56 5.45
CA MET C 125 10.31 35.48 5.47
C MET C 125 11.64 34.83 5.07
N ALA C 126 11.58 33.52 4.92
CA ALA C 126 12.74 32.76 4.52
C ALA C 126 12.84 32.75 3.00
N THR C 127 14.05 32.99 2.52
CA THR C 127 14.30 32.97 1.09
C THR C 127 15.48 32.06 0.78
N GLY C 128 15.59 31.68 -0.48
CA GLY C 128 16.69 30.82 -0.89
C GLY C 128 16.56 30.27 -2.30
N LYS C 129 17.65 29.69 -2.78
CA LYS C 129 17.66 29.12 -4.10
C LYS C 129 18.39 27.78 -4.00
N LEU C 130 17.91 26.80 -4.74
CA LEU C 130 18.50 25.48 -4.70
C LEU C 130 18.66 24.88 -6.10
N LEU C 131 19.43 23.81 -6.16
CA LEU C 131 19.61 23.10 -7.41
C LEU C 131 19.34 21.62 -7.17
N VAL C 132 18.30 21.14 -7.81
CA VAL C 132 17.92 19.75 -7.69
C VAL C 132 18.49 19.15 -8.98
N SER C 133 19.23 18.06 -8.80
CA SER C 133 19.89 17.42 -9.90
C SER C 133 19.70 15.92 -10.17
N TYR C 134 19.54 15.60 -11.44
CA TYR C 134 19.43 14.25 -11.87
C TYR C 134 20.53 13.96 -12.91
N ALA C 135 21.42 13.06 -12.53
CA ALA C 135 22.51 12.67 -13.39
C ALA C 135 22.28 11.24 -13.85
N PRO C 136 22.35 11.03 -15.14
CA PRO C 136 22.24 9.69 -15.69
C PRO C 136 23.43 8.89 -15.20
N PRO C 137 23.26 7.58 -15.08
CA PRO C 137 24.37 6.77 -14.55
C PRO C 137 25.56 6.56 -15.48
N GLY C 138 26.62 6.00 -14.93
CA GLY C 138 27.82 5.75 -15.69
C GLY C 138 29.09 6.48 -15.25
N ALA C 139 28.88 7.61 -14.59
CA ALA C 139 29.98 8.40 -14.11
C ALA C 139 29.99 8.48 -12.57
N ASP C 140 30.86 9.33 -12.08
CA ASP C 140 31.01 9.52 -10.66
C ASP C 140 29.74 10.09 -10.08
N PRO C 141 29.21 9.45 -9.06
CA PRO C 141 27.98 9.96 -8.45
C PRO C 141 28.29 11.34 -7.90
N PRO C 142 27.46 12.30 -8.26
CA PRO C 142 27.67 13.67 -7.81
C PRO C 142 27.73 13.86 -6.29
N LYS C 143 28.60 14.76 -5.88
CA LYS C 143 28.76 15.01 -4.46
C LYS C 143 29.09 16.49 -4.20
N LYS C 144 29.22 17.23 -5.28
CA LYS C 144 29.48 18.64 -5.22
C LYS C 144 28.68 19.35 -6.30
N ARG C 145 28.17 20.52 -5.96
CA ARG C 145 27.35 21.27 -6.88
C ARG C 145 27.85 21.20 -8.33
N LYS C 146 29.15 21.30 -8.48
CA LYS C 146 29.77 21.27 -9.77
C LYS C 146 29.41 20.20 -10.78
N GLU C 147 29.55 18.95 -10.38
CA GLU C 147 29.29 17.85 -11.32
C GLU C 147 27.79 17.67 -11.55
N ALA C 148 27.04 17.89 -10.49
CA ALA C 148 25.61 17.77 -10.56
C ALA C 148 25.03 18.81 -11.53
N MET C 149 25.64 19.98 -11.51
CA MET C 149 25.22 21.05 -12.37
C MET C 149 25.34 20.73 -13.87
N LEU C 150 26.15 19.71 -14.14
CA LEU C 150 26.36 19.28 -15.50
C LEU C 150 25.24 18.41 -16.07
N GLY C 151 24.48 17.80 -15.18
CA GLY C 151 23.39 16.94 -15.60
C GLY C 151 22.05 17.65 -15.72
N THR C 152 20.99 16.85 -15.73
CA THR C 152 19.65 17.39 -15.81
C THR C 152 19.38 18.03 -14.47
N HIS C 153 18.84 19.23 -14.50
CA HIS C 153 18.55 19.93 -13.24
C HIS C 153 17.66 21.17 -13.33
N VAL C 154 16.94 21.41 -12.25
CA VAL C 154 16.07 22.55 -12.15
C VAL C 154 16.64 23.42 -11.04
N ILE C 155 16.69 24.71 -11.29
CA ILE C 155 17.16 25.63 -10.28
C ILE C 155 15.90 26.28 -9.71
N TRP C 156 15.65 25.97 -8.45
CA TRP C 156 14.46 26.45 -7.79
C TRP C 156 14.52 27.67 -6.83
N ASP C 157 13.66 28.62 -7.13
CA ASP C 157 13.54 29.82 -6.34
C ASP C 157 12.44 29.65 -5.28
N ILE C 158 12.80 29.97 -4.05
CA ILE C 158 11.87 29.88 -2.96
C ILE C 158 11.03 31.15 -2.93
N GLY C 159 9.73 30.97 -3.08
CA GLY C 159 8.82 32.09 -3.08
C GLY C 159 7.35 31.74 -2.83
N LEU C 160 6.48 32.58 -3.35
CA LEU C 160 5.06 32.41 -3.18
C LEU C 160 4.47 31.10 -3.72
N GLN C 161 5.13 30.54 -4.71
CA GLN C 161 4.69 29.29 -5.29
C GLN C 161 5.52 28.28 -4.49
N SER C 162 4.88 27.71 -3.49
CA SER C 162 5.52 26.79 -2.58
C SER C 162 6.31 25.56 -2.97
N SER C 163 5.95 24.97 -4.11
CA SER C 163 6.64 23.77 -4.55
C SER C 163 7.26 23.80 -5.96
N CYS C 164 8.23 22.92 -6.14
CA CYS C 164 8.93 22.80 -7.39
C CYS C 164 9.08 21.35 -7.83
N THR C 165 8.83 21.11 -9.11
CA THR C 165 8.94 19.76 -9.63
C THR C 165 10.08 19.62 -10.65
N MET C 166 10.85 18.57 -10.47
CA MET C 166 11.92 18.27 -11.39
C MET C 166 11.49 16.96 -12.02
N VAL C 167 11.53 16.91 -13.33
CA VAL C 167 11.15 15.71 -14.04
C VAL C 167 12.41 14.94 -14.44
N VAL C 168 12.44 13.69 -14.04
CA VAL C 168 13.55 12.82 -14.40
C VAL C 168 13.06 12.10 -15.65
N PRO C 169 13.59 12.52 -16.78
CA PRO C 169 13.18 11.95 -18.05
C PRO C 169 13.70 10.51 -18.25
N TRP C 170 12.91 9.74 -18.99
CA TRP C 170 13.27 8.36 -19.26
C TRP C 170 14.49 8.28 -20.19
N ILE C 171 15.62 7.96 -19.58
CA ILE C 171 16.85 7.84 -20.29
C ILE C 171 17.38 6.47 -19.85
N SER C 172 17.22 5.50 -20.72
CA SER C 172 17.64 4.15 -20.42
C SER C 172 18.24 3.42 -21.62
N ASN C 173 19.07 2.42 -21.32
CA ASN C 173 19.69 1.64 -22.36
C ASN C 173 18.64 0.63 -22.79
N THR C 174 18.01 0.02 -21.81
CA THR C 174 17.01 -0.98 -22.04
C THR C 174 15.61 -0.38 -22.22
N THR C 175 14.73 -1.18 -22.79
CA THR C 175 13.37 -0.77 -22.99
C THR C 175 12.62 -0.75 -21.65
N TYR C 176 13.07 -1.61 -20.75
CA TYR C 176 12.49 -1.70 -19.44
C TYR C 176 13.57 -1.92 -18.38
N ARG C 177 13.32 -1.38 -17.20
CA ARG C 177 14.27 -1.56 -16.11
C ARG C 177 13.85 -2.54 -15.00
N GLN C 178 14.85 -3.10 -14.35
CA GLN C 178 14.62 -4.06 -13.30
C GLN C 178 14.23 -3.53 -11.92
N THR C 179 13.23 -4.17 -11.34
CA THR C 179 12.74 -3.78 -10.04
C THR C 179 13.79 -4.02 -8.90
N ILE C 180 14.83 -4.71 -9.30
CA ILE C 180 15.90 -5.06 -8.41
C ILE C 180 17.01 -4.01 -8.51
N ASP C 181 17.93 -4.08 -7.57
CA ASP C 181 19.06 -3.19 -7.55
C ASP C 181 20.05 -3.81 -8.52
N ASP C 182 20.19 -3.20 -9.68
CA ASP C 182 21.10 -3.75 -10.68
C ASP C 182 21.91 -2.72 -11.52
N SER C 183 23.14 -3.12 -11.78
CA SER C 183 24.05 -2.32 -12.54
C SER C 183 23.73 -2.06 -14.01
N PHE C 184 23.37 -3.13 -14.71
CA PHE C 184 23.08 -3.00 -16.12
C PHE C 184 21.86 -2.11 -16.34
N THR C 185 20.90 -2.24 -15.44
CA THR C 185 19.69 -1.47 -15.51
C THR C 185 19.67 -0.33 -14.49
N GLU C 186 20.84 0.20 -14.21
CA GLU C 186 20.95 1.31 -13.28
C GLU C 186 20.24 2.55 -13.81
N GLY C 187 19.63 3.29 -12.89
CA GLY C 187 18.90 4.48 -13.26
C GLY C 187 19.56 5.85 -13.22
N GLY C 188 20.52 5.99 -12.33
CA GLY C 188 21.21 7.26 -12.20
C GLY C 188 21.16 7.82 -10.79
N TYR C 189 21.41 9.11 -10.68
CA TYR C 189 21.48 9.73 -9.36
C TYR C 189 20.64 11.03 -9.24
N ILE C 190 19.99 11.14 -8.10
CA ILE C 190 19.18 12.31 -7.82
C ILE C 190 19.87 13.07 -6.68
N SER C 191 20.03 14.36 -6.88
CA SER C 191 20.70 15.18 -5.89
C SER C 191 20.29 16.65 -5.71
N VAL C 192 20.18 17.05 -4.46
CA VAL C 192 19.82 18.42 -4.15
C VAL C 192 20.95 19.24 -3.50
N PHE C 193 21.12 20.45 -3.99
CA PHE C 193 22.16 21.33 -3.51
C PHE C 193 21.70 22.75 -3.31
N TYR C 194 22.41 23.47 -2.46
CA TYR C 194 22.11 24.88 -2.24
C TYR C 194 22.67 25.69 -3.39
N GLN C 195 21.83 26.53 -3.95
CA GLN C 195 22.26 27.41 -5.03
C GLN C 195 22.87 28.66 -4.39
N THR C 196 22.07 29.30 -3.55
CA THR C 196 22.51 30.45 -2.82
C THR C 196 22.65 29.82 -1.43
N ARG C 197 21.72 30.17 -0.56
CA ARG C 197 21.68 29.63 0.76
C ARG C 197 20.30 30.07 1.27
N ILE C 198 19.93 29.56 2.42
CA ILE C 198 18.66 29.94 3.00
C ILE C 198 18.91 31.23 3.78
N VAL C 199 18.05 32.20 3.55
CA VAL C 199 18.20 33.49 4.20
C VAL C 199 16.90 33.88 4.89
N VAL C 200 17.04 34.26 6.15
CA VAL C 200 15.91 34.70 6.93
C VAL C 200 16.30 35.96 7.68
N PRO C 201 15.31 36.73 8.09
CA PRO C 201 15.60 37.92 8.88
C PRO C 201 15.77 37.52 10.34
N LEU C 202 15.83 38.52 11.20
CA LEU C 202 15.93 38.25 12.62
C LEU C 202 14.54 37.85 13.10
N SER C 203 14.50 37.19 14.25
CA SER C 203 13.25 36.72 14.80
C SER C 203 12.55 35.76 13.83
N THR C 204 13.35 34.91 13.23
CA THR C 204 12.86 33.95 12.27
C THR C 204 13.62 32.65 12.45
N PRO C 205 12.91 31.54 12.52
CA PRO C 205 13.56 30.26 12.71
C PRO C 205 14.66 29.96 11.69
N ARG C 206 15.87 29.87 12.20
CA ARG C 206 17.02 29.68 11.34
C ARG C 206 17.12 28.36 10.58
N GLU C 207 16.43 27.36 11.09
CA GLU C 207 16.44 26.06 10.45
C GLU C 207 15.03 25.60 10.13
N MET C 208 14.87 25.04 8.95
CA MET C 208 13.59 24.59 8.49
C MET C 208 13.74 23.25 7.78
N ASP C 209 12.61 22.71 7.34
CA ASP C 209 12.61 21.42 6.66
C ASP C 209 11.99 21.50 5.26
N ILE C 210 12.19 20.43 4.50
CA ILE C 210 11.58 20.32 3.19
C ILE C 210 10.95 18.95 3.00
N LEU C 211 9.87 18.93 2.25
CA LEU C 211 9.18 17.69 1.98
C LEU C 211 9.38 17.35 0.51
N GLY C 212 9.47 16.06 0.25
CA GLY C 212 9.67 15.58 -1.11
C GLY C 212 8.67 14.52 -1.56
N PHE C 213 8.23 14.64 -2.79
CA PHE C 213 7.26 13.73 -3.33
C PHE C 213 7.71 13.20 -4.69
N VAL C 214 7.31 11.98 -4.98
CA VAL C 214 7.66 11.36 -6.25
C VAL C 214 6.45 10.60 -6.84
N SER C 215 6.32 10.73 -8.14
CA SER C 215 5.25 10.07 -8.84
C SER C 215 5.66 9.80 -10.30
N ALA C 216 4.82 9.03 -10.98
CA ALA C 216 5.07 8.70 -12.35
C ALA C 216 4.40 9.70 -13.29
N CYS C 217 4.87 9.73 -14.52
CA CYS C 217 4.32 10.62 -15.51
C CYS C 217 3.37 9.82 -16.39
N ASN C 218 2.50 10.52 -17.09
CA ASN C 218 1.54 9.88 -17.95
C ASN C 218 2.03 8.76 -18.89
N ASP C 219 3.33 8.69 -19.03
CA ASP C 219 3.93 7.65 -19.84
C ASP C 219 4.88 6.72 -19.04
N PHE C 220 4.35 6.23 -17.94
CA PHE C 220 5.07 5.31 -17.10
C PHE C 220 4.29 3.99 -17.13
N SER C 221 5.04 2.91 -17.29
CA SER C 221 4.44 1.60 -17.35
C SER C 221 5.28 0.51 -16.68
N VAL C 222 4.59 -0.55 -16.29
CA VAL C 222 5.23 -1.66 -15.65
C VAL C 222 4.73 -3.00 -16.21
N ARG C 223 5.58 -4.00 -16.10
CA ARG C 223 5.23 -5.32 -16.58
C ARG C 223 5.87 -6.49 -15.79
N LEU C 224 5.36 -7.67 -16.07
CA LEU C 224 5.78 -8.87 -15.41
C LEU C 224 5.37 -8.88 -13.93
N LEU C 225 4.19 -9.44 -13.69
CA LEU C 225 3.64 -9.49 -12.37
C LEU C 225 4.32 -10.53 -11.47
N ARG C 226 4.72 -10.07 -10.30
CA ARG C 226 5.38 -10.92 -9.34
C ARG C 226 4.92 -10.59 -7.93
N ASP C 227 5.18 -11.49 -7.01
CA ASP C 227 4.85 -11.23 -5.61
C ASP C 227 5.89 -10.35 -4.92
N THR C 228 5.40 -9.43 -4.12
CA THR C 228 6.26 -8.51 -3.40
C THR C 228 7.00 -9.18 -2.23
N THR C 229 8.04 -8.52 -1.78
CA THR C 229 8.81 -9.03 -0.67
C THR C 229 8.75 -8.14 0.60
N HIS C 230 7.89 -7.14 0.49
CA HIS C 230 7.70 -6.20 1.56
C HIS C 230 6.53 -6.68 2.46
N ILE C 231 6.12 -7.90 2.21
CA ILE C 231 5.07 -8.53 2.95
C ILE C 231 5.38 -10.03 3.07
N GLU C 232 5.07 -10.56 4.24
CA GLU C 232 5.33 -11.96 4.52
C GLU C 232 4.60 -12.53 5.75
N GLN C 233 4.46 -13.84 5.74
CA GLN C 233 3.80 -14.53 6.82
C GLN C 233 4.72 -15.60 7.39
N LYS C 234 5.05 -15.43 8.66
CA LYS C 234 5.93 -16.37 9.34
C LYS C 234 5.14 -17.53 9.98
N ALA C 235 5.27 -18.68 9.34
CA ALA C 235 4.57 -19.87 9.79
C ALA C 235 3.04 -19.84 9.67
C1 MYR D 1 -22.59 -19.81 -31.28
O1 MYR D 1 -21.67 -20.23 -30.56
C2 MYR D 1 -22.98 -20.65 -32.47
C3 MYR D 1 -21.78 -21.47 -32.92
C4 MYR D 1 -21.56 -22.69 -32.02
C5 MYR D 1 -20.23 -23.35 -32.39
C6 MYR D 1 -20.14 -24.74 -31.78
C7 MYR D 1 -19.93 -24.66 -30.27
C8 MYR D 1 -19.09 -25.82 -29.78
C9 MYR D 1 -19.83 -26.57 -28.69
C10 MYR D 1 -20.64 -25.62 -27.81
C11 MYR D 1 -21.64 -26.36 -26.94
C12 MYR D 1 -21.92 -25.65 -25.62
C13 MYR D 1 -21.70 -26.57 -24.43
C14 MYR D 1 -22.68 -26.30 -23.31
N GLY D 2 -22.81 -18.52 -31.46
CA GLY D 2 -22.67 -17.48 -30.41
C GLY D 2 -21.21 -17.25 -30.00
N ALA D 3 -20.33 -17.47 -30.96
CA ALA D 3 -18.92 -17.32 -30.71
C ALA D 3 -18.48 -15.85 -30.57
N GLN D 4 -17.45 -15.66 -29.77
CA GLN D 4 -16.92 -14.34 -29.55
C GLN D 4 -15.47 -14.29 -30.09
N VAL D 5 -15.34 -13.68 -31.25
CA VAL D 5 -14.05 -13.56 -31.90
C VAL D 5 -13.40 -12.20 -31.62
N SER D 6 -12.25 -12.25 -30.99
CA SER D 6 -11.53 -11.05 -30.65
C SER D 6 -10.12 -11.02 -31.26
N SER D 7 -9.52 -9.86 -31.21
CA SER D 7 -8.21 -9.64 -31.77
C SER D 7 -7.06 -9.90 -30.79
N GLN D 8 -5.89 -10.09 -31.35
CA GLN D 8 -4.70 -10.30 -30.55
C GLN D 8 -3.69 -9.23 -30.96
N LYS D 9 -3.23 -8.49 -29.96
CA LYS D 9 -2.23 -7.47 -30.16
C LYS D 9 -0.95 -8.29 -30.31
N VAL D 10 -0.50 -8.43 -31.55
CA VAL D 10 0.67 -9.23 -31.82
C VAL D 10 1.99 -8.59 -31.33
N GLY D 11 2.69 -9.36 -30.53
CA GLY D 11 3.96 -8.92 -29.99
C GLY D 11 5.13 -9.35 -30.86
N ALA D 12 5.61 -10.56 -30.63
CA ALA D 12 6.68 -11.09 -31.45
C ALA D 12 5.95 -11.52 -32.71
N HIS D 13 6.63 -11.40 -33.84
CA HIS D 13 6.02 -11.77 -35.10
C HIS D 13 6.74 -12.94 -35.73
N GLU D 14 5.98 -13.87 -36.27
CA GLU D 14 6.56 -15.02 -36.94
C GLU D 14 6.84 -14.49 -38.32
N ASN D 15 7.93 -14.97 -38.92
CA ASN D 15 8.27 -14.55 -40.26
C ASN D 15 7.11 -14.99 -41.16
N SER D 16 5.92 -14.57 -40.78
CA SER D 16 4.72 -14.94 -41.52
C SER D 16 3.69 -13.82 -41.73
N ASN D 17 3.12 -13.81 -42.92
CA ASN D 17 2.12 -12.85 -43.28
C ASN D 17 1.28 -13.39 -44.46
N ARG D 18 0.85 -14.62 -44.29
CA ARG D 18 0.07 -15.32 -45.25
C ARG D 18 -0.43 -16.45 -44.33
N ALA D 19 -0.61 -16.07 -43.08
CA ALA D 19 -1.08 -16.99 -42.08
C ALA D 19 -1.03 -16.31 -40.70
N TYR D 20 0.19 -16.11 -40.23
CA TYR D 20 0.38 -15.49 -38.93
C TYR D 20 0.87 -14.04 -39.08
N GLY D 21 1.90 -13.72 -38.32
CA GLY D 21 2.48 -12.41 -38.35
C GLY D 21 1.67 -11.15 -38.61
N GLY D 22 1.51 -10.83 -39.88
CA GLY D 22 0.79 -9.63 -40.26
C GLY D 22 -0.73 -9.57 -40.22
N SER D 23 -1.34 -10.16 -41.23
CA SER D 23 -2.78 -10.16 -41.33
C SER D 23 -3.60 -10.50 -40.07
N THR D 24 -4.01 -9.45 -39.39
CA THR D 24 -4.80 -9.57 -38.18
C THR D 24 -5.21 -10.94 -37.58
N ILE D 25 -4.50 -11.31 -36.54
CA ILE D 25 -4.73 -12.59 -35.90
C ILE D 25 -5.80 -12.47 -34.78
N ASN D 26 -6.87 -13.21 -34.98
CA ASN D 26 -7.98 -13.18 -34.07
C ASN D 26 -8.17 -14.50 -33.33
N TYR D 27 -8.90 -14.44 -32.24
CA TYR D 27 -9.19 -15.64 -31.47
C TYR D 27 -10.70 -15.76 -31.25
N THR D 28 -11.12 -16.97 -30.93
CA THR D 28 -12.53 -17.23 -30.72
C THR D 28 -12.80 -17.61 -29.26
N THR D 29 -13.99 -17.27 -28.80
CA THR D 29 -14.39 -17.59 -27.45
C THR D 29 -15.86 -17.93 -27.48
N ILE D 30 -16.22 -18.97 -26.74
CA ILE D 30 -17.61 -19.39 -26.70
C ILE D 30 -18.06 -19.61 -25.25
N ASN D 31 -19.11 -18.90 -24.88
CA ASN D 31 -19.65 -19.03 -23.55
C ASN D 31 -20.51 -20.29 -23.45
N TYR D 32 -20.12 -21.16 -22.55
CA TYR D 32 -20.80 -22.42 -22.38
C TYR D 32 -21.83 -22.46 -21.26
N TYR D 33 -21.74 -21.48 -20.38
CA TYR D 33 -22.64 -21.43 -19.24
C TYR D 33 -23.63 -20.26 -19.26
N ARG D 34 -24.75 -20.48 -18.60
CA ARG D 34 -25.79 -19.48 -18.54
C ARG D 34 -25.52 -18.25 -17.63
N ASP D 35 -24.74 -18.50 -16.60
CA ASP D 35 -24.43 -17.49 -15.63
C ASP D 35 -23.13 -16.75 -15.96
N SER D 36 -23.22 -15.43 -15.92
CA SER D 36 -22.10 -14.58 -16.23
C SER D 36 -20.88 -14.86 -15.34
N ALA D 37 -21.17 -15.35 -14.16
CA ALA D 37 -20.14 -15.66 -13.20
C ALA D 37 -19.22 -16.79 -13.67
N SER D 38 -19.71 -17.55 -14.63
CA SER D 38 -18.93 -18.65 -15.17
C SER D 38 -17.92 -18.28 -16.25
N ASN D 39 -18.18 -17.17 -16.92
CA ASN D 39 -17.33 -16.71 -17.98
C ASN D 39 -15.87 -16.39 -17.61
N ALA D 40 -15.01 -16.51 -18.60
CA ALA D 40 -13.61 -16.18 -18.42
C ALA D 40 -13.45 -14.66 -18.52
N ALA D 41 -12.31 -14.18 -18.08
CA ALA D 41 -12.03 -12.77 -18.12
C ALA D 41 -11.64 -12.31 -19.53
N SER D 42 -12.43 -11.38 -20.05
CA SER D 42 -12.20 -10.88 -21.39
C SER D 42 -10.88 -10.14 -21.55
N LYS D 43 -10.49 -9.44 -20.50
CA LYS D 43 -9.27 -8.70 -20.48
C LYS D 43 -9.21 -7.48 -21.42
N GLN D 44 -10.34 -7.23 -22.07
CA GLN D 44 -10.44 -6.13 -22.99
C GLN D 44 -11.02 -4.96 -22.17
N ASP D 45 -10.16 -4.35 -21.39
CA ASP D 45 -10.56 -3.29 -20.51
C ASP D 45 -10.27 -1.86 -20.99
N PHE D 46 -10.73 -0.90 -20.21
CA PHE D 46 -10.56 0.49 -20.53
C PHE D 46 -9.77 1.30 -19.50
N SER D 47 -9.14 2.34 -19.98
CA SER D 47 -8.37 3.23 -19.15
C SER D 47 -9.19 4.48 -18.88
N GLN D 48 -8.68 5.30 -17.97
CA GLN D 48 -9.34 6.55 -17.66
C GLN D 48 -8.30 7.63 -17.38
N ASP D 49 -8.78 8.77 -16.92
CA ASP D 49 -7.91 9.86 -16.57
C ASP D 49 -7.75 9.90 -15.06
N PRO D 50 -6.51 9.85 -14.61
CA PRO D 50 -6.24 9.83 -13.19
C PRO D 50 -6.67 11.05 -12.38
N SER D 51 -7.13 12.07 -13.09
CA SER D 51 -7.56 13.29 -12.46
C SER D 51 -8.29 13.20 -11.14
N LYS D 52 -9.29 12.34 -11.09
CA LYS D 52 -10.06 12.20 -9.85
C LYS D 52 -9.21 11.88 -8.61
N PHE D 53 -7.93 11.66 -8.86
CA PHE D 53 -7.01 11.36 -7.79
C PHE D 53 -5.86 12.39 -7.78
N THR D 54 -5.48 12.79 -8.98
CA THR D 54 -4.39 13.71 -9.16
C THR D 54 -4.73 15.18 -9.06
N GLU D 55 -5.87 15.55 -9.63
CA GLU D 55 -6.30 16.93 -9.65
C GLU D 55 -7.70 17.10 -9.09
N PRO D 56 -7.92 16.59 -7.90
CA PRO D 56 -9.27 16.64 -7.33
C PRO D 56 -9.67 18.06 -6.85
N ILE D 57 -9.10 19.03 -7.51
CA ILE D 57 -9.33 20.41 -7.21
C ILE D 57 -10.56 20.98 -7.92
N LYS D 58 -11.28 21.81 -7.18
CA LYS D 58 -12.48 22.43 -7.68
C LYS D 58 -12.25 23.36 -8.90
N ASP D 59 -11.13 24.04 -8.86
CA ASP D 59 -10.78 24.97 -9.90
C ASP D 59 -9.75 24.39 -10.87
N VAL D 60 -9.98 24.63 -12.15
CA VAL D 60 -9.10 24.13 -13.19
C VAL D 60 -7.59 24.47 -13.06
N LEU D 61 -6.80 23.41 -13.09
CA LEU D 61 -5.36 23.56 -12.99
C LEU D 61 -4.68 23.68 -14.35
N ILE D 62 -4.10 24.84 -14.58
CA ILE D 62 -3.38 25.09 -15.81
C ILE D 62 -1.92 24.93 -15.45
N LYS D 63 -1.33 23.82 -15.86
CA LYS D 63 0.05 23.55 -15.49
C LYS D 63 1.14 24.61 -15.76
N THR D 64 0.88 25.40 -16.78
CA THR D 64 1.80 26.47 -17.14
C THR D 64 1.62 27.75 -16.32
N ALA D 65 0.45 27.89 -15.74
CA ALA D 65 0.15 29.05 -14.92
C ALA D 65 0.53 28.81 -13.49
N PRO D 66 0.42 29.86 -12.66
CA PRO D 66 0.70 29.65 -11.23
C PRO D 66 -0.38 28.88 -10.50
N MET D 67 0.04 27.88 -9.74
CA MET D 67 -0.89 27.07 -8.99
C MET D 67 -1.74 27.99 -8.09
N LEU D 68 -1.05 28.88 -7.41
CA LEU D 68 -1.71 29.84 -6.55
C LEU D 68 -1.74 31.19 -7.25
N ASN D 69 -2.95 31.68 -7.47
CA ASN D 69 -3.14 32.95 -8.09
C ASN D 69 -4.41 33.60 -7.55
N GLN E 1 17.73 -3.76 -1.67
CA GLN E 1 18.84 -4.56 -1.03
C GLN E 1 18.33 -5.80 -0.29
N VAL E 2 19.16 -6.29 0.62
CA VAL E 2 18.83 -7.47 1.38
C VAL E 2 18.66 -7.23 2.89
N GLN E 3 19.58 -6.45 3.43
CA GLN E 3 19.57 -6.11 4.83
C GLN E 3 20.94 -6.05 5.53
N LEU E 4 21.90 -6.76 4.95
CA LEU E 4 23.23 -6.80 5.50
C LEU E 4 23.65 -5.92 6.70
N GLN E 5 23.63 -6.56 7.86
CA GLN E 5 23.98 -5.90 9.09
C GLN E 5 24.85 -6.87 9.90
N GLU E 6 26.11 -6.51 10.02
CA GLU E 6 27.07 -7.36 10.70
C GLU E 6 27.70 -6.84 11.99
N SER E 7 28.10 -7.77 12.83
CA SER E 7 28.72 -7.44 14.09
C SER E 7 29.71 -8.55 14.47
N GLY E 8 30.28 -8.41 15.65
CA GLY E 8 31.22 -9.40 16.16
C GLY E 8 32.69 -9.02 16.24
N GLY E 9 32.94 -7.83 16.77
CA GLY E 9 34.30 -7.34 16.88
C GLY E 9 35.01 -7.59 18.20
N GLY E 10 35.44 -8.82 18.38
CA GLY E 10 36.13 -9.21 19.58
C GLY E 10 37.62 -9.44 19.34
N SER E 11 38.43 -8.59 19.93
CA SER E 11 39.87 -8.69 19.78
C SER E 11 40.52 -9.83 20.62
N VAL E 12 40.38 -11.03 20.09
CA VAL E 12 40.89 -12.20 20.75
C VAL E 12 42.40 -12.35 20.50
N GLN E 13 43.02 -13.18 21.32
CA GLN E 13 44.44 -13.44 21.21
C GLN E 13 44.69 -14.43 20.06
N THR E 14 45.96 -14.65 19.80
CA THR E 14 46.35 -15.56 18.74
C THR E 14 46.12 -17.06 19.03
N GLY E 15 45.00 -17.54 18.51
CA GLY E 15 44.63 -18.92 18.69
C GLY E 15 43.28 -19.15 19.36
N GLY E 16 42.40 -18.16 19.24
CA GLY E 16 41.09 -18.26 19.82
C GLY E 16 39.99 -18.29 18.76
N SER E 17 38.80 -18.67 19.19
CA SER E 17 37.68 -18.76 18.26
C SER E 17 36.80 -17.52 18.23
N LEU E 18 36.38 -17.15 17.04
CA LEU E 18 35.54 -15.98 16.87
C LEU E 18 34.44 -16.27 15.85
N ARG E 19 33.27 -15.73 16.13
CA ARG E 19 32.13 -15.90 15.25
C ARG E 19 31.65 -14.59 14.63
N LEU E 20 31.46 -14.63 13.32
CA LEU E 20 30.96 -13.49 12.60
C LEU E 20 29.65 -13.81 11.90
N SER E 21 28.73 -12.87 11.97
CA SER E 21 27.43 -13.06 11.36
C SER E 21 26.87 -11.84 10.61
N CYS E 22 26.25 -12.12 9.49
CA CYS E 22 25.66 -11.08 8.68
C CYS E 22 24.22 -11.42 8.32
N ALA E 23 23.34 -10.48 8.59
CA ALA E 23 21.93 -10.67 8.31
C ALA E 23 21.63 -10.69 6.79
N ALA E 24 20.74 -11.60 6.43
CA ALA E 24 20.33 -11.73 5.06
C ALA E 24 18.86 -12.20 5.00
N SER E 25 18.09 -11.66 5.93
CA SER E 25 16.71 -12.02 6.06
C SER E 25 15.78 -11.84 4.85
N GLU E 26 15.78 -10.63 4.32
CA GLU E 26 14.98 -10.35 3.15
C GLU E 26 15.51 -11.27 2.05
N TYR E 27 14.60 -11.73 1.21
CA TYR E 27 14.98 -12.64 0.16
C TYR E 27 14.88 -12.03 -1.26
N THR E 28 15.96 -11.39 -1.66
CA THR E 28 16.05 -10.82 -2.97
C THR E 28 16.60 -12.03 -3.69
N GLN E 29 17.23 -11.80 -4.83
CA GLN E 29 17.94 -12.89 -5.50
C GLN E 29 18.97 -12.90 -4.36
N SER E 30 18.80 -13.87 -3.48
CA SER E 30 19.63 -13.94 -2.30
C SER E 30 21.12 -14.31 -2.39
N SER E 31 21.87 -13.76 -1.46
CA SER E 31 23.29 -13.98 -1.39
C SER E 31 23.61 -15.44 -1.70
N ALA E 32 24.20 -15.64 -2.86
CA ALA E 32 24.55 -16.97 -3.30
C ALA E 32 25.66 -17.53 -2.42
N CYS E 33 26.88 -17.50 -2.92
CA CYS E 33 28.00 -17.95 -2.11
C CYS E 33 28.17 -17.02 -0.90
N MET E 34 27.50 -15.89 -0.98
CA MET E 34 27.58 -14.89 0.04
C MET E 34 28.96 -14.29 -0.25
N GLY E 35 29.65 -13.90 0.82
CA GLY E 35 30.95 -13.32 0.69
C GLY E 35 31.49 -12.70 1.98
N TRP E 36 32.78 -12.87 2.18
CA TRP E 36 33.45 -12.32 3.32
C TRP E 36 34.76 -11.72 2.80
N PHE E 37 34.91 -10.43 3.02
CA PHE E 37 36.07 -9.72 2.56
C PHE E 37 36.75 -9.03 3.74
N ARG E 38 38.06 -9.13 3.78
CA ARG E 38 38.83 -8.49 4.83
C ARG E 38 39.73 -7.44 4.21
N GLN E 39 39.79 -6.29 4.85
CA GLN E 39 40.68 -5.24 4.40
C GLN E 39 41.76 -5.02 5.47
N ALA E 40 42.97 -5.38 5.12
CA ALA E 40 44.10 -5.18 6.00
C ALA E 40 44.63 -3.83 5.63
N PRO E 41 44.64 -2.91 6.60
CA PRO E 41 45.16 -1.58 6.31
C PRO E 41 46.62 -1.46 5.80
N GLY E 42 47.25 -2.61 5.66
CA GLY E 42 48.58 -2.67 5.13
C GLY E 42 48.42 -3.06 3.66
N LYS E 43 47.49 -3.96 3.42
CA LYS E 43 47.19 -4.40 2.09
C LYS E 43 45.92 -3.68 1.65
N GLU E 44 44.99 -4.44 1.12
CA GLU E 44 43.72 -3.89 0.67
C GLU E 44 42.59 -4.89 0.91
N ARG E 45 41.53 -4.74 0.15
CA ARG E 45 40.38 -5.62 0.31
C ARG E 45 40.52 -6.93 -0.51
N GLU E 46 40.22 -8.02 0.17
CA GLU E 46 40.34 -9.33 -0.42
C GLU E 46 39.23 -10.31 -0.03
N GLY E 47 38.95 -11.22 -0.95
CA GLY E 47 37.94 -12.22 -0.71
C GLY E 47 38.41 -13.40 0.13
N VAL E 48 37.50 -13.94 0.91
CA VAL E 48 37.86 -15.05 1.79
C VAL E 48 37.02 -16.32 1.79
N ALA E 49 35.80 -16.21 2.28
CA ALA E 49 34.92 -17.36 2.36
C ALA E 49 33.62 -17.26 1.58
N GLY E 50 32.97 -18.40 1.41
CA GLY E 50 31.70 -18.43 0.69
C GLY E 50 30.99 -19.71 0.29
N ILE E 51 29.83 -19.92 0.87
CA ILE E 51 29.03 -21.09 0.56
C ILE E 51 27.77 -20.75 -0.22
N SER E 52 27.56 -21.46 -1.31
CA SER E 52 26.39 -21.22 -2.14
C SER E 52 25.04 -21.14 -1.40
N ARG E 53 24.16 -20.34 -1.96
CA ARG E 53 22.87 -20.08 -1.36
C ARG E 53 22.19 -21.37 -0.94
N PHE E 54 22.08 -22.29 -1.88
CA PHE E 54 21.41 -23.54 -1.64
C PHE E 54 22.42 -24.69 -1.61
N PHE E 55 23.28 -24.70 -2.62
CA PHE E 55 24.22 -25.75 -2.82
C PHE E 55 25.43 -25.67 -1.87
N GLY E 56 26.22 -26.72 -1.88
CA GLY E 56 27.39 -26.79 -1.04
C GLY E 56 28.68 -26.31 -1.70
N THR E 57 28.55 -25.24 -2.47
CA THR E 57 29.70 -24.68 -3.14
C THR E 57 30.31 -23.61 -2.21
N ALA E 58 31.25 -24.07 -1.41
CA ALA E 58 31.93 -23.19 -0.50
C ALA E 58 33.39 -23.06 -0.92
N TYR E 59 33.76 -21.85 -1.28
CA TYR E 59 35.14 -21.62 -1.70
C TYR E 59 35.92 -21.08 -0.50
N TYR E 60 37.16 -21.50 -0.40
CA TYR E 60 38.02 -21.06 0.68
C TYR E 60 39.36 -20.52 0.16
N ALA E 61 39.70 -19.35 0.68
CA ALA E 61 40.96 -18.72 0.32
C ALA E 61 42.09 -19.63 0.83
N ASP E 62 43.18 -19.63 0.09
CA ASP E 62 44.31 -20.45 0.41
C ASP E 62 44.78 -20.29 1.87
N SER E 63 44.74 -19.05 2.33
CA SER E 63 45.18 -18.73 3.66
C SER E 63 44.29 -19.08 4.85
N VAL E 64 43.05 -19.43 4.55
CA VAL E 64 42.10 -19.74 5.60
C VAL E 64 41.39 -21.08 5.64
N LYS E 65 41.71 -21.93 4.68
CA LYS E 65 41.09 -23.24 4.61
C LYS E 65 41.26 -24.08 5.89
N GLY E 66 40.19 -24.76 6.24
CA GLY E 66 40.22 -25.60 7.43
C GLY E 66 39.96 -24.91 8.78
N ARG E 67 40.64 -23.79 8.95
CA ARG E 67 40.51 -23.00 10.14
C ARG E 67 39.23 -22.15 10.11
N PHE E 68 39.00 -21.57 8.94
CA PHE E 68 37.86 -20.73 8.72
C PHE E 68 36.84 -21.52 7.91
N THR E 69 35.61 -21.54 8.41
CA THR E 69 34.54 -22.24 7.73
C THR E 69 33.32 -21.33 7.59
N ILE E 70 32.56 -21.59 6.54
CA ILE E 70 31.36 -20.81 6.30
C ILE E 70 30.10 -21.72 6.37
N SER E 71 29.08 -21.15 7.00
CA SER E 71 27.83 -21.84 7.16
C SER E 71 26.78 -20.79 7.53
N GLN E 72 25.54 -21.13 7.28
CA GLN E 72 24.45 -20.22 7.57
C GLN E 72 23.16 -20.94 8.03
N ASP E 73 22.14 -20.13 8.27
CA ASP E 73 20.86 -20.67 8.66
C ASP E 73 19.83 -20.41 7.54
N LYS E 74 19.49 -21.48 6.86
CA LYS E 74 18.57 -21.42 5.76
C LYS E 74 17.13 -21.11 6.18
N ALA E 75 17.01 -20.43 7.32
CA ALA E 75 15.73 -20.07 7.84
C ALA E 75 15.80 -18.82 8.74
N LYS E 76 16.61 -18.92 9.76
CA LYS E 76 16.79 -17.82 10.68
C LYS E 76 17.50 -16.66 9.96
N ASN E 77 18.00 -16.99 8.78
CA ASN E 77 18.67 -16.04 7.93
C ASN E 77 19.73 -15.07 8.52
N THR E 78 20.95 -15.59 8.55
CA THR E 78 22.07 -14.87 9.05
C THR E 78 23.20 -15.80 8.60
N VAL E 79 24.33 -15.21 8.30
CA VAL E 79 25.47 -16.00 7.84
C VAL E 79 26.63 -16.06 8.85
N TYR E 80 26.88 -17.27 9.32
CA TYR E 80 27.92 -17.49 10.29
C TYR E 80 29.31 -17.75 9.68
N LEU E 81 30.33 -17.39 10.44
CA LEU E 81 31.69 -17.58 10.01
C LEU E 81 32.56 -18.01 11.19
N GLN E 82 32.83 -19.30 11.24
CA GLN E 82 33.66 -19.83 12.30
C GLN E 82 35.16 -19.65 11.98
N MET E 83 35.77 -18.77 12.74
CA MET E 83 37.18 -18.47 12.54
C MET E 83 37.95 -18.91 13.78
N ASN E 84 38.58 -20.07 13.66
CA ASN E 84 39.35 -20.61 14.76
C ASN E 84 40.87 -20.57 14.53
N SER E 85 41.60 -20.82 15.59
CA SER E 85 43.04 -20.79 15.53
C SER E 85 43.52 -19.55 14.77
N LEU E 86 43.17 -18.40 15.33
CA LEU E 86 43.48 -17.14 14.70
C LEU E 86 44.95 -16.67 14.78
N LYS E 87 45.49 -16.37 13.62
CA LYS E 87 46.84 -15.87 13.53
C LYS E 87 46.79 -14.37 13.68
N PRO E 88 47.95 -13.76 13.90
CA PRO E 88 47.99 -12.30 13.95
C PRO E 88 47.93 -11.70 12.54
N GLU E 89 48.05 -12.57 11.55
CA GLU E 89 47.99 -12.16 10.17
C GLU E 89 46.58 -11.94 9.62
N ASP E 90 45.61 -12.23 10.45
CA ASP E 90 44.23 -12.11 10.06
C ASP E 90 43.50 -10.89 10.68
N THR E 91 44.31 -9.98 11.16
CA THR E 91 43.80 -8.76 11.75
C THR E 91 43.40 -7.77 10.64
N ALA E 92 42.11 -7.74 10.38
CA ALA E 92 41.58 -6.87 9.36
C ALA E 92 40.10 -6.63 9.55
N ILE E 93 39.56 -5.70 8.78
CA ILE E 93 38.15 -5.41 8.84
C ILE E 93 37.36 -6.30 7.86
N TYR E 94 36.51 -7.11 8.44
CA TYR E 94 35.72 -8.04 7.66
C TYR E 94 34.39 -7.45 7.13
N TYR E 95 33.94 -8.00 6.03
CA TYR E 95 32.73 -7.54 5.40
C TYR E 95 31.97 -8.68 4.72
N CYS E 96 30.65 -8.62 4.85
CA CYS E 96 29.81 -9.61 4.20
C CYS E 96 29.48 -9.12 2.80
N ALA E 97 29.20 -10.06 1.92
CA ALA E 97 28.96 -9.73 0.53
C ALA E 97 27.90 -10.49 -0.29
N ALA E 98 26.80 -9.80 -0.53
CA ALA E 98 25.72 -10.39 -1.28
C ALA E 98 25.99 -10.49 -2.80
N GLY E 99 25.97 -11.71 -3.27
CA GLY E 99 26.16 -11.96 -4.69
C GLY E 99 24.81 -12.50 -5.12
N GLN E 100 24.02 -11.64 -5.73
CA GLN E 100 22.68 -12.04 -6.12
C GLN E 100 22.37 -13.34 -6.91
N GLY E 101 22.07 -13.16 -8.17
CA GLY E 101 21.74 -14.28 -9.01
C GLY E 101 22.77 -15.39 -8.86
N CYS E 102 22.39 -16.42 -8.13
CA CYS E 102 23.29 -17.51 -7.86
C CYS E 102 24.37 -17.84 -8.87
N LEU E 103 24.03 -17.73 -10.14
CA LEU E 103 25.01 -17.95 -11.18
C LEU E 103 26.22 -17.03 -11.03
N THR E 104 26.03 -15.97 -10.27
CA THR E 104 27.09 -15.05 -10.00
C THR E 104 28.20 -15.74 -9.20
N THR E 105 27.80 -16.76 -8.46
CA THR E 105 28.74 -17.51 -7.66
C THR E 105 28.85 -18.97 -8.14
N ILE E 106 28.44 -19.16 -9.37
CA ILE E 106 28.53 -20.45 -10.02
C ILE E 106 29.53 -20.33 -11.17
N GLN E 107 29.36 -19.26 -11.93
CA GLN E 107 30.28 -18.98 -13.00
C GLN E 107 31.69 -18.80 -12.43
N ALA E 108 31.84 -17.74 -11.66
CA ALA E 108 33.10 -17.43 -11.05
C ALA E 108 33.32 -18.20 -9.74
N LEU E 109 32.27 -18.84 -9.28
CA LEU E 109 32.31 -19.59 -8.05
C LEU E 109 32.57 -18.75 -6.80
N GLY E 110 33.67 -18.00 -6.83
CA GLY E 110 34.00 -17.12 -5.75
C GLY E 110 33.25 -15.82 -5.97
N GLY E 111 33.15 -15.04 -4.91
CA GLY E 111 32.46 -13.76 -5.00
C GLY E 111 33.24 -12.66 -5.72
N ALA E 112 33.27 -11.50 -5.10
CA ALA E 112 33.99 -10.37 -5.66
C ALA E 112 33.49 -9.65 -6.91
N TYR E 113 33.18 -10.42 -7.93
CA TYR E 113 32.75 -9.85 -9.18
C TYR E 113 31.23 -9.63 -9.27
N GLY E 114 30.50 -10.63 -8.81
CA GLY E 114 29.06 -10.54 -8.78
C GLY E 114 28.66 -10.26 -7.33
N TYR E 115 28.82 -9.01 -6.94
CA TYR E 115 28.50 -8.58 -5.60
C TYR E 115 28.02 -7.13 -5.59
N ASN E 116 26.75 -6.97 -5.27
CA ASN E 116 26.15 -5.64 -5.32
C ASN E 116 25.78 -4.95 -4.01
N ALA E 117 25.54 -5.74 -2.98
CA ALA E 117 25.19 -5.17 -1.69
C ALA E 117 26.32 -5.34 -0.67
N TRP E 118 26.84 -4.21 -0.23
CA TRP E 118 28.00 -4.21 0.64
C TRP E 118 27.72 -4.10 2.14
N GLY E 119 28.46 -4.87 2.91
CA GLY E 119 28.30 -4.87 4.35
C GLY E 119 28.90 -3.69 5.11
N GLN E 120 28.63 -3.66 6.40
CA GLN E 120 29.13 -2.58 7.23
C GLN E 120 30.59 -2.55 7.69
N GLY E 121 31.06 -3.69 8.17
CA GLY E 121 32.44 -3.78 8.61
C GLY E 121 32.71 -3.93 10.10
N THR E 122 33.36 -5.03 10.44
CA THR E 122 33.69 -5.31 11.81
C THR E 122 35.20 -5.46 12.02
N GLN E 123 35.72 -4.75 12.99
CA GLN E 123 37.14 -4.80 13.27
C GLN E 123 37.54 -5.98 14.18
N VAL E 124 38.39 -6.82 13.63
CA VAL E 124 38.87 -7.97 14.35
C VAL E 124 40.39 -7.87 14.49
N THR E 125 40.84 -7.92 15.72
CA THR E 125 42.25 -7.84 16.00
C THR E 125 42.64 -9.17 16.67
N VAL E 126 43.75 -9.73 16.20
CA VAL E 126 44.25 -10.96 16.76
C VAL E 126 45.72 -10.65 17.11
N SER E 127 45.92 -10.28 18.36
CA SER E 127 47.24 -9.88 18.81
C SER E 127 47.91 -10.66 19.97
N SER E 128 49.05 -10.13 20.37
CA SER E 128 49.78 -10.64 21.49
C SER E 128 49.71 -9.36 22.33
N HIS E 129 48.70 -9.32 23.19
CA HIS E 129 48.49 -8.17 24.04
C HIS E 129 49.67 -7.84 24.96
C1 PLM F . -13.49 -10.29 0.17
O1 PLM F . -12.30 -10.16 -0.16
O2 PLM F . -14.09 -9.49 0.92
C2 PLM F . -14.24 -11.50 -0.34
C3 PLM F . -13.60 -12.78 0.17
C4 PLM F . -14.58 -13.67 0.92
C5 PLM F . -15.19 -14.73 0.00
C6 PLM F . -16.62 -14.37 -0.37
C7 PLM F . -17.32 -15.39 -1.27
C8 PLM F . -17.92 -16.57 -0.50
C9 PLM F . -19.03 -17.23 -1.33
CA PLM F . -19.24 -18.68 -0.90
CB PLM F . -18.91 -19.68 -2.01
CC PLM F . -20.04 -20.69 -2.17
CD PLM F . -19.78 -21.82 -3.18
CE PLM F . -18.79 -22.88 -2.71
CF PLM F . -18.71 -23.98 -3.76
CG PLM F . -19.24 -25.31 -3.27
#